data_7VVX
#
_entry.id   7VVX
#
_cell.length_a   66.910
_cell.length_b   131.100
_cell.length_c   134.710
_cell.angle_alpha   90.000
_cell.angle_beta   90.000
_cell.angle_gamma   90.000
#
_symmetry.space_group_name_H-M   'P 21 21 21'
#
loop_
_entity.id
_entity.type
_entity.pdbx_description
1 polymer 'SAM-dependent methyltransferase'
2 non-polymer S-ADENOSYL-L-HOMOCYSTEINE
3 non-polymer METHIONINE
4 non-polymer 'PHOSPHATE ION'
5 water water
#
_entity_poly.entity_id   1
_entity_poly.type   'polypeptide(L)'
_entity_poly.pdbx_seq_one_letter_code
;MGDSEEPVVTPHAPEFAFDPTDPWTETFQRGLEIAGLGGKRVYEVGIGTGINVAFMLQICEAALVSGSDLDPRLAGLAER
NVRDLAPRRADRFHPVEGAVSLIDTPEARAQVGRSDVIVGCLPQVGEPDDVRLRAFRTAQAAALAAGADTRDEDHIAHYY
PWAEFDSYPFNSVGLGLNEALLRRTRATAPAADVVLNFGARVGSAVLFELFEANGYVPEKLHSQIVLQHAGTDISFFVAL
ENALAQTGLEREFTCEFYGDPEGATRLSATEAQALVDTDSAAEIYHEVCVIRGRPALSENDPSDS
;
_entity_poly.pdbx_strand_id   A,B,C
#
loop_
_chem_comp.id
_chem_comp.type
_chem_comp.name
_chem_comp.formula
PO4 non-polymer 'PHOSPHATE ION' 'O4 P -3'
#
# COMPACT_ATOMS: atom_id res chain seq x y z
N PRO A 14 -38.70 -2.07 -15.78
CA PRO A 14 -38.68 -3.24 -14.90
C PRO A 14 -38.59 -2.83 -13.43
N GLU A 15 -39.37 -1.84 -13.04
CA GLU A 15 -39.36 -1.36 -11.67
C GLU A 15 -40.06 -2.35 -10.74
N PHE A 16 -40.36 -3.53 -11.26
CA PHE A 16 -41.02 -4.57 -10.48
C PHE A 16 -40.03 -5.60 -9.96
N ALA A 17 -38.94 -5.78 -10.70
CA ALA A 17 -37.93 -6.72 -10.33
C ALA A 17 -37.30 -6.39 -9.03
N PHE A 18 -36.83 -5.17 -8.87
CA PHE A 18 -36.20 -4.80 -7.64
C PHE A 18 -37.27 -4.62 -6.65
N ASP A 19 -36.94 -4.74 -5.38
CA ASP A 19 -37.89 -4.53 -4.29
C ASP A 19 -37.37 -3.53 -3.27
N PRO A 20 -38.14 -2.50 -3.03
CA PRO A 20 -37.87 -1.46 -2.05
C PRO A 20 -37.84 -1.89 -0.57
N THR A 21 -38.03 -3.14 -0.31
CA THR A 21 -37.92 -3.58 1.09
C THR A 21 -36.54 -3.22 1.65
N ASP A 22 -35.48 -3.65 0.97
CA ASP A 22 -34.10 -3.41 1.39
C ASP A 22 -33.48 -2.36 0.47
N PRO A 23 -33.39 -1.09 0.89
CA PRO A 23 -32.82 -0.08 -0.01
C PRO A 23 -31.38 -0.37 -0.41
N TRP A 24 -30.56 -0.89 0.50
CA TRP A 24 -29.21 -1.31 0.11
C TRP A 24 -29.23 -2.30 -1.04
N THR A 25 -30.01 -3.38 -0.90
CA THR A 25 -30.08 -4.37 -1.97
C THR A 25 -30.62 -3.78 -3.26
N GLU A 26 -31.58 -2.86 -3.14
CA GLU A 26 -32.22 -2.28 -4.32
C GLU A 26 -31.23 -1.45 -5.12
N THR A 27 -30.47 -0.56 -4.45
CA THR A 27 -29.50 0.24 -5.20
C THR A 27 -28.41 -0.66 -5.79
N PHE A 28 -28.09 -1.77 -5.12
CA PHE A 28 -27.17 -2.72 -5.70
C PHE A 28 -27.71 -3.27 -7.02
N GLN A 29 -28.93 -3.82 -7.00
CA GLN A 29 -29.49 -4.40 -8.21
C GLN A 29 -29.67 -3.35 -9.30
N ARG A 30 -30.05 -2.13 -8.93
CA ARG A 30 -30.22 -1.07 -9.92
C ARG A 30 -28.91 -0.72 -10.61
N GLY A 31 -27.79 -0.79 -9.87
CA GLY A 31 -26.51 -0.53 -10.48
C GLY A 31 -26.07 -1.73 -11.29
N LEU A 32 -26.42 -2.93 -10.80
CA LEU A 32 -26.10 -4.15 -11.54
C LEU A 32 -26.71 -4.10 -12.93
N GLU A 33 -27.88 -3.54 -13.03
CA GLU A 33 -28.50 -3.41 -14.30
C GLU A 33 -27.82 -2.40 -15.16
N ILE A 34 -27.41 -1.31 -14.58
CA ILE A 34 -26.76 -0.27 -15.33
C ILE A 34 -25.39 -0.67 -15.70
N ALA A 35 -24.88 -1.65 -15.00
CA ALA A 35 -23.58 -2.12 -15.24
C ALA A 35 -23.40 -2.66 -16.62
N GLY A 36 -24.38 -3.36 -17.14
CA GLY A 36 -24.26 -3.95 -18.45
C GLY A 36 -23.67 -5.32 -18.37
N LEU A 37 -24.38 -6.22 -17.74
CA LEU A 37 -23.91 -7.58 -17.53
C LEU A 37 -24.28 -8.52 -18.65
N GLY A 38 -24.84 -8.02 -19.75
CA GLY A 38 -25.37 -8.86 -20.79
C GLY A 38 -24.32 -9.73 -21.43
N GLY A 39 -24.54 -11.04 -21.39
CA GLY A 39 -23.62 -11.98 -21.98
C GLY A 39 -22.25 -12.02 -21.35
N LYS A 40 -22.13 -11.71 -20.08
CA LYS A 40 -20.85 -11.74 -19.41
C LYS A 40 -20.73 -12.81 -18.42
N ARG A 41 -19.52 -13.11 -18.01
CA ARG A 41 -19.32 -14.10 -17.00
C ARG A 41 -19.18 -13.26 -15.81
N VAL A 42 -19.94 -13.53 -14.81
CA VAL A 42 -19.96 -12.72 -13.61
C VAL A 42 -19.64 -13.61 -12.42
N TYR A 43 -18.82 -13.09 -11.51
CA TYR A 43 -18.56 -13.73 -10.22
C TYR A 43 -19.12 -12.83 -9.12
N GLU A 44 -19.93 -13.42 -8.24
CA GLU A 44 -20.46 -12.69 -7.09
C GLU A 44 -19.81 -13.22 -5.81
N VAL A 45 -19.11 -12.34 -5.12
CA VAL A 45 -18.61 -12.61 -3.78
C VAL A 45 -19.74 -12.42 -2.80
N GLY A 46 -20.04 -13.44 -2.01
CA GLY A 46 -21.14 -13.36 -1.05
C GLY A 46 -22.50 -13.56 -1.70
N ILE A 47 -22.70 -14.70 -2.37
CA ILE A 47 -23.95 -14.94 -3.08
C ILE A 47 -25.14 -14.95 -2.12
N GLY A 48 -24.88 -15.14 -0.83
CA GLY A 48 -25.94 -15.27 0.14
C GLY A 48 -26.98 -16.26 -0.30
N THR A 49 -28.20 -15.81 -0.53
CA THR A 49 -29.29 -16.70 -0.87
C THR A 49 -29.51 -16.86 -2.36
N GLY A 50 -28.77 -16.13 -3.20
CA GLY A 50 -28.85 -16.27 -4.64
C GLY A 50 -29.74 -15.28 -5.36
N ILE A 51 -30.47 -14.42 -4.63
CA ILE A 51 -31.42 -13.50 -5.28
C ILE A 51 -30.71 -12.61 -6.28
N ASN A 52 -29.56 -12.05 -5.89
CA ASN A 52 -28.78 -11.24 -6.82
C ASN A 52 -28.37 -12.05 -8.04
N VAL A 53 -28.04 -13.34 -7.85
CA VAL A 53 -27.76 -14.24 -8.97
C VAL A 53 -28.99 -14.38 -9.84
N ALA A 54 -30.12 -14.74 -9.21
CA ALA A 54 -31.39 -14.82 -9.93
C ALA A 54 -31.61 -13.57 -10.74
N PHE A 55 -31.44 -12.41 -10.09
CA PHE A 55 -31.59 -11.13 -10.76
C PHE A 55 -30.63 -10.97 -11.92
N MET A 56 -29.35 -11.26 -11.71
CA MET A 56 -28.37 -11.05 -12.77
C MET A 56 -28.58 -11.99 -13.95
N LEU A 57 -29.14 -13.18 -13.70
CA LEU A 57 -29.43 -14.10 -14.79
C LEU A 57 -30.69 -13.69 -15.54
N GLN A 58 -31.77 -13.38 -14.81
CA GLN A 58 -33.09 -13.15 -15.41
C GLN A 58 -33.24 -11.73 -15.97
N ILE A 59 -32.76 -10.73 -15.25
CA ILE A 59 -32.95 -9.33 -15.68
C ILE A 59 -31.77 -8.80 -16.47
N CYS A 60 -30.52 -9.04 -16.03
CA CYS A 60 -29.35 -8.51 -16.72
C CYS A 60 -28.79 -9.44 -17.80
N GLU A 61 -29.28 -10.65 -17.88
CA GLU A 61 -28.89 -11.54 -18.92
C GLU A 61 -27.47 -11.97 -19.00
N ALA A 62 -26.89 -12.23 -17.86
CA ALA A 62 -25.55 -12.67 -17.82
C ALA A 62 -25.37 -13.95 -18.53
N ALA A 63 -24.31 -14.11 -19.26
CA ALA A 63 -24.03 -15.40 -19.92
C ALA A 63 -23.80 -16.51 -18.91
N LEU A 64 -23.07 -16.22 -17.84
CA LEU A 64 -22.73 -17.19 -16.81
C LEU A 64 -22.54 -16.44 -15.50
N VAL A 65 -23.07 -17.00 -14.42
CA VAL A 65 -22.84 -16.42 -13.10
C VAL A 65 -22.21 -17.49 -12.23
N SER A 66 -21.15 -17.12 -11.56
CA SER A 66 -20.57 -17.94 -10.51
C SER A 66 -20.45 -17.07 -9.27
N GLY A 67 -20.05 -17.69 -8.18
CA GLY A 67 -19.80 -16.95 -6.97
C GLY A 67 -19.61 -17.91 -5.82
N SER A 68 -19.45 -17.31 -4.64
CA SER A 68 -19.23 -18.12 -3.46
C SER A 68 -19.77 -17.38 -2.26
N ASP A 69 -19.72 -18.06 -1.12
CA ASP A 69 -20.00 -17.39 0.13
C ASP A 69 -19.15 -17.98 1.24
N LEU A 70 -18.89 -17.13 2.24
CA LEU A 70 -18.26 -17.57 3.46
C LEU A 70 -19.01 -18.72 4.10
N ASP A 71 -20.33 -18.74 3.95
CA ASP A 71 -21.17 -19.73 4.61
C ASP A 71 -21.34 -20.94 3.70
N PRO A 72 -20.84 -22.07 4.09
CA PRO A 72 -20.87 -23.25 3.27
C PRO A 72 -22.20 -23.75 2.86
N ARG A 73 -23.25 -23.37 3.55
CA ARG A 73 -24.54 -23.89 3.18
C ARG A 73 -25.39 -23.10 2.25
N LEU A 74 -25.14 -21.82 2.14
CA LEU A 74 -25.98 -21.01 1.29
C LEU A 74 -25.74 -21.29 -0.12
N ALA A 75 -24.54 -21.67 -0.48
CA ALA A 75 -24.26 -21.95 -1.85
C ALA A 75 -25.25 -22.94 -2.37
N GLY A 76 -25.48 -23.97 -1.61
CA GLY A 76 -26.47 -24.92 -2.06
C GLY A 76 -27.87 -24.35 -2.10
N LEU A 77 -28.28 -23.63 -1.05
CA LEU A 77 -29.62 -23.05 -1.00
C LEU A 77 -29.82 -22.04 -2.12
N ALA A 78 -28.78 -21.28 -2.44
CA ALA A 78 -28.88 -20.32 -3.54
C ALA A 78 -29.09 -21.01 -4.88
N GLU A 79 -28.77 -22.30 -4.99
CA GLU A 79 -29.10 -23.01 -6.22
C GLU A 79 -30.61 -23.28 -6.32
N ARG A 80 -31.28 -23.44 -5.22
CA ARG A 80 -32.68 -23.63 -5.30
C ARG A 80 -33.32 -22.38 -5.75
N ASN A 81 -33.21 -21.33 -4.99
CA ASN A 81 -33.86 -20.09 -5.33
C ASN A 81 -33.59 -19.69 -6.77
N VAL A 82 -32.47 -20.05 -7.29
CA VAL A 82 -32.22 -19.69 -8.60
C VAL A 82 -32.98 -20.56 -9.48
N ARG A 83 -33.14 -21.80 -9.09
CA ARG A 83 -33.86 -22.71 -9.94
C ARG A 83 -35.30 -22.41 -9.91
N ASP A 84 -35.76 -21.90 -8.80
CA ASP A 84 -37.11 -21.52 -8.67
C ASP A 84 -37.43 -20.18 -9.23
N LEU A 85 -36.61 -19.17 -9.03
CA LEU A 85 -36.89 -17.80 -9.46
C LEU A 85 -36.56 -17.52 -10.92
N ALA A 86 -35.67 -18.29 -11.52
CA ALA A 86 -35.33 -18.14 -12.95
C ALA A 86 -35.01 -19.50 -13.50
N PRO A 87 -35.99 -20.34 -13.59
CA PRO A 87 -35.75 -21.68 -14.02
C PRO A 87 -35.18 -21.80 -15.34
N ARG A 88 -35.56 -20.96 -16.26
CA ARG A 88 -35.09 -21.09 -17.60
C ARG A 88 -33.70 -20.70 -17.88
N ARG A 89 -33.00 -20.16 -16.92
CA ARG A 89 -31.65 -19.73 -17.11
C ARG A 89 -30.79 -20.20 -15.99
N ALA A 90 -31.29 -21.06 -15.14
CA ALA A 90 -30.59 -21.48 -13.94
C ALA A 90 -29.48 -22.47 -14.19
N ASP A 91 -29.28 -22.90 -15.43
CA ASP A 91 -28.17 -23.76 -15.78
C ASP A 91 -26.93 -22.98 -16.20
N ARG A 92 -26.96 -21.65 -16.07
CA ARG A 92 -25.77 -20.84 -16.20
C ARG A 92 -25.24 -20.40 -14.85
N PHE A 93 -25.77 -20.95 -13.76
CA PHE A 93 -25.32 -20.64 -12.43
C PHE A 93 -24.48 -21.80 -11.92
N HIS A 94 -23.23 -21.53 -11.59
CA HIS A 94 -22.27 -22.54 -11.15
C HIS A 94 -21.60 -22.06 -9.88
N PRO A 95 -22.20 -22.21 -8.76
CA PRO A 95 -21.58 -21.70 -7.59
C PRO A 95 -20.36 -22.43 -7.29
N VAL A 96 -19.57 -21.87 -6.41
CA VAL A 96 -18.38 -22.50 -5.99
C VAL A 96 -18.80 -22.82 -4.60
N GLU A 97 -18.69 -24.07 -4.22
CA GLU A 97 -19.12 -24.47 -2.94
C GLU A 97 -18.01 -24.55 -1.99
N GLY A 98 -18.34 -24.30 -0.74
CA GLY A 98 -17.40 -24.33 0.34
C GLY A 98 -17.36 -23.05 1.11
N ALA A 99 -16.82 -23.05 2.30
CA ALA A 99 -16.71 -21.80 3.03
C ALA A 99 -15.59 -21.01 2.39
N VAL A 100 -15.94 -20.08 1.50
CA VAL A 100 -14.96 -19.28 0.78
C VAL A 100 -15.02 -17.87 1.34
N SER A 101 -14.04 -17.51 2.16
CA SER A 101 -13.86 -16.11 2.46
C SER A 101 -13.26 -15.41 1.24
N LEU A 102 -13.87 -14.28 0.87
CA LEU A 102 -13.55 -13.51 -0.34
C LEU A 102 -13.47 -14.49 -1.51
N ILE A 103 -12.30 -14.64 -2.13
CA ILE A 103 -12.11 -15.65 -3.17
C ILE A 103 -10.95 -16.60 -2.90
N ASP A 104 -10.76 -16.98 -1.64
CA ASP A 104 -9.52 -17.64 -1.23
C ASP A 104 -9.63 -19.17 -1.22
N THR A 105 -10.01 -19.77 -2.34
CA THR A 105 -9.78 -21.17 -2.63
C THR A 105 -9.38 -21.30 -4.09
N PRO A 106 -8.81 -22.38 -4.48
CA PRO A 106 -8.35 -22.51 -5.83
C PRO A 106 -9.43 -22.51 -6.84
N GLU A 107 -10.57 -23.03 -6.52
CA GLU A 107 -11.66 -23.06 -7.45
C GLU A 107 -12.26 -21.72 -7.64
N ALA A 108 -12.32 -20.95 -6.58
CA ALA A 108 -12.86 -19.65 -6.66
C ALA A 108 -11.94 -18.82 -7.46
N ARG A 109 -10.66 -18.92 -7.23
CA ARG A 109 -9.68 -18.14 -8.01
C ARG A 109 -9.77 -18.48 -9.49
N ALA A 110 -9.85 -19.78 -9.81
CA ALA A 110 -10.00 -20.21 -11.20
C ALA A 110 -11.28 -19.67 -11.81
N GLN A 111 -12.36 -19.68 -11.05
CA GLN A 111 -13.59 -19.11 -11.57
C GLN A 111 -13.48 -17.60 -11.68
N VAL A 112 -12.92 -16.93 -10.66
CA VAL A 112 -12.71 -15.48 -10.77
C VAL A 112 -11.77 -15.16 -11.92
N GLY A 113 -10.74 -16.01 -12.10
CA GLY A 113 -9.81 -15.82 -13.20
C GLY A 113 -10.47 -15.81 -14.57
N ARG A 114 -11.66 -16.39 -14.69
CA ARG A 114 -12.36 -16.40 -15.96
C ARG A 114 -13.42 -15.32 -16.09
N SER A 115 -13.75 -14.59 -15.03
CA SER A 115 -14.88 -13.69 -15.14
C SER A 115 -14.49 -12.37 -15.82
N ASP A 116 -15.49 -11.74 -16.42
CA ASP A 116 -15.36 -10.38 -16.94
C ASP A 116 -15.69 -9.32 -15.88
N VAL A 117 -16.55 -9.66 -14.93
CA VAL A 117 -17.03 -8.72 -13.92
C VAL A 117 -17.09 -9.47 -12.60
N ILE A 118 -16.51 -8.90 -11.56
CA ILE A 118 -16.69 -9.40 -10.19
C ILE A 118 -17.57 -8.41 -9.46
N VAL A 119 -18.60 -8.90 -8.81
CA VAL A 119 -19.56 -8.01 -8.17
C VAL A 119 -19.72 -8.48 -6.75
N GLY A 120 -20.08 -7.54 -5.88
CA GLY A 120 -20.44 -7.87 -4.53
C GLY A 120 -20.87 -6.66 -3.73
N CYS A 121 -21.58 -6.94 -2.64
CA CYS A 121 -21.92 -5.96 -1.64
C CYS A 121 -21.46 -6.54 -0.32
N LEU A 122 -20.36 -6.03 0.21
CA LEU A 122 -19.63 -6.72 1.26
C LEU A 122 -19.68 -5.98 2.58
N PRO A 123 -19.39 -6.66 3.69
CA PRO A 123 -19.31 -5.98 4.98
C PRO A 123 -18.44 -4.74 4.92
N GLN A 124 -18.83 -3.74 5.71
CA GLN A 124 -18.23 -2.41 5.73
C GLN A 124 -18.88 -1.66 6.88
N VAL A 125 -18.08 -0.96 7.67
CA VAL A 125 -18.67 -0.16 8.73
C VAL A 125 -19.67 0.79 8.10
N GLY A 126 -20.87 0.84 8.68
CA GLY A 126 -21.96 1.64 8.14
C GLY A 126 -23.10 0.82 7.57
N GLU A 127 -22.89 -0.48 7.33
CA GLU A 127 -23.95 -1.36 6.90
C GLU A 127 -25.07 -1.38 7.94
N PRO A 128 -26.24 -1.81 7.59
CA PRO A 128 -27.28 -1.88 8.58
C PRO A 128 -27.02 -3.02 9.46
N ASP A 129 -27.18 -2.78 10.72
CA ASP A 129 -26.99 -3.78 11.74
C ASP A 129 -27.89 -4.93 11.53
N ASP A 130 -29.05 -4.66 11.02
CA ASP A 130 -30.01 -5.66 10.74
C ASP A 130 -29.34 -6.85 10.12
N VAL A 131 -28.30 -6.65 9.35
CA VAL A 131 -27.66 -7.79 8.73
C VAL A 131 -26.87 -8.74 9.63
N ARG A 132 -27.33 -9.99 9.61
CA ARG A 132 -26.80 -11.09 10.40
C ARG A 132 -27.32 -10.78 11.75
N LEU A 133 -28.55 -11.17 12.05
CA LEU A 133 -29.42 -11.93 11.15
C LEU A 133 -28.69 -13.18 10.74
N ARG A 134 -28.63 -14.11 11.68
CA ARG A 134 -27.89 -15.34 11.53
C ARG A 134 -28.77 -16.56 11.44
N ALA A 135 -29.28 -16.88 10.26
CA ALA A 135 -30.13 -18.05 10.08
C ALA A 135 -29.35 -19.29 9.70
N PRO A 161 -13.43 -12.97 9.98
CA PRO A 161 -13.46 -12.13 8.79
C PRO A 161 -13.30 -10.69 9.18
N TRP A 162 -12.45 -10.39 10.16
CA TRP A 162 -12.30 -9.01 10.53
C TRP A 162 -10.95 -8.49 10.93
N ALA A 163 -10.20 -9.23 11.65
CA ALA A 163 -8.94 -8.71 12.10
C ALA A 163 -7.78 -8.73 11.18
N GLU A 164 -7.77 -9.58 10.19
CA GLU A 164 -6.66 -9.61 9.28
C GLU A 164 -6.80 -8.49 8.33
N PHE A 165 -7.99 -7.96 8.21
CA PHE A 165 -8.22 -6.84 7.32
C PHE A 165 -7.91 -5.51 7.96
N ASP A 166 -7.61 -5.49 9.27
CA ASP A 166 -7.50 -4.23 10.00
C ASP A 166 -6.29 -3.41 9.55
N SER A 167 -5.28 -4.04 8.96
CA SER A 167 -4.09 -3.31 8.53
C SER A 167 -4.34 -2.46 7.30
N TYR A 168 -5.38 -2.74 6.53
CA TYR A 168 -5.55 -2.10 5.25
C TYR A 168 -5.70 -0.58 5.44
N PRO A 169 -5.02 0.22 4.62
CA PRO A 169 -5.16 1.68 4.77
C PRO A 169 -6.61 2.15 4.77
N PHE A 170 -7.44 1.64 3.87
CA PHE A 170 -8.83 2.04 3.81
C PHE A 170 -9.68 1.34 4.84
N ASN A 171 -9.09 0.59 5.76
CA ASN A 171 -9.86 0.20 6.93
C ASN A 171 -10.10 1.39 7.87
N SER A 172 -9.30 2.41 7.71
CA SER A 172 -9.42 3.57 8.51
C SER A 172 -10.74 4.19 8.28
N VAL A 173 -11.42 3.91 7.19
CA VAL A 173 -12.72 4.45 6.95
C VAL A 173 -13.69 3.36 6.75
N GLY A 174 -13.40 2.25 7.33
CA GLY A 174 -14.27 1.11 7.27
C GLY A 174 -14.34 0.20 6.10
N LEU A 175 -13.47 0.33 5.13
CA LEU A 175 -13.55 -0.50 3.97
C LEU A 175 -12.43 -1.45 3.82
N GLY A 176 -11.87 -1.89 4.91
CA GLY A 176 -10.75 -2.81 4.78
C GLY A 176 -11.09 -4.04 3.95
N LEU A 177 -12.22 -4.67 4.27
CA LEU A 177 -12.61 -5.87 3.55
C LEU A 177 -12.77 -5.59 2.06
N ASN A 178 -13.20 -4.38 1.70
CA ASN A 178 -13.39 -4.05 0.30
C ASN A 178 -12.06 -3.84 -0.40
N GLU A 179 -11.10 -3.26 0.33
CA GLU A 179 -9.77 -3.13 -0.25
C GLU A 179 -9.13 -4.51 -0.38
N ALA A 180 -9.36 -5.39 0.59
CA ALA A 180 -8.82 -6.75 0.52
C ALA A 180 -9.29 -7.46 -0.74
N LEU A 181 -10.55 -7.24 -1.15
CA LEU A 181 -11.00 -7.90 -2.39
C LEU A 181 -10.29 -7.32 -3.60
N LEU A 182 -10.09 -6.00 -3.64
CA LEU A 182 -9.46 -5.40 -4.81
C LEU A 182 -8.01 -5.88 -4.96
N ARG A 183 -7.31 -6.15 -3.86
CA ARG A 183 -5.96 -6.70 -3.99
C ARG A 183 -6.02 -8.05 -4.69
N ARG A 184 -6.95 -8.91 -4.27
CA ARG A 184 -7.11 -10.22 -4.89
C ARG A 184 -7.61 -10.12 -6.34
N THR A 185 -8.59 -9.26 -6.63
CA THR A 185 -9.12 -9.23 -8.00
C THR A 185 -8.05 -8.76 -9.00
N ARG A 186 -7.33 -7.68 -8.67
CA ARG A 186 -6.27 -7.18 -9.54
C ARG A 186 -5.19 -8.24 -9.79
N ALA A 187 -4.95 -9.13 -8.84
CA ALA A 187 -3.98 -10.17 -9.07
C ALA A 187 -4.57 -11.37 -9.81
N THR A 188 -5.78 -11.81 -9.44
CA THR A 188 -6.37 -13.04 -9.98
C THR A 188 -7.08 -12.83 -11.33
N ALA A 189 -7.54 -11.62 -11.65
CA ALA A 189 -8.24 -11.37 -12.91
C ALA A 189 -8.03 -9.91 -13.30
N PRO A 190 -6.83 -9.57 -13.78
CA PRO A 190 -6.46 -8.14 -13.89
C PRO A 190 -7.24 -7.36 -14.93
N ALA A 191 -8.03 -8.01 -15.78
CA ALA A 191 -8.81 -7.30 -16.78
C ALA A 191 -10.30 -7.25 -16.46
N ALA A 192 -10.72 -7.83 -15.36
CA ALA A 192 -12.13 -7.89 -15.00
C ALA A 192 -12.61 -6.58 -14.36
N ASP A 193 -13.85 -6.21 -14.65
CA ASP A 193 -14.42 -5.11 -13.88
C ASP A 193 -14.76 -5.58 -12.48
N VAL A 194 -14.81 -4.63 -11.55
CA VAL A 194 -15.24 -4.89 -10.19
C VAL A 194 -16.34 -3.90 -9.81
N VAL A 195 -17.50 -4.42 -9.43
CA VAL A 195 -18.69 -3.63 -9.13
C VAL A 195 -19.08 -3.86 -7.69
N LEU A 196 -18.99 -2.82 -6.85
CA LEU A 196 -19.21 -2.98 -5.42
C LEU A 196 -20.22 -1.96 -4.90
N ASN A 197 -20.87 -2.33 -3.80
CA ASN A 197 -21.90 -1.54 -3.17
C ASN A 197 -21.36 -0.87 -1.92
N PHE A 198 -21.68 0.42 -1.75
CA PHE A 198 -21.08 1.22 -0.68
C PHE A 198 -22.11 2.12 0.01
N GLY A 199 -22.12 2.09 1.34
CA GLY A 199 -22.55 3.25 2.08
C GLY A 199 -21.59 4.40 1.78
N ALA A 200 -22.13 5.57 1.49
CA ALA A 200 -21.33 6.69 1.03
C ALA A 200 -21.11 7.74 2.10
N ARG A 201 -21.47 7.44 3.36
CA ARG A 201 -21.30 8.40 4.44
C ARG A 201 -19.92 9.05 4.45
N VAL A 202 -18.90 8.31 4.00
CA VAL A 202 -17.51 8.74 4.08
C VAL A 202 -17.10 9.63 2.90
N GLY A 203 -17.97 9.82 1.93
CA GLY A 203 -17.71 10.75 0.84
C GLY A 203 -17.37 10.03 -0.45
N SER A 204 -17.65 10.68 -1.58
CA SER A 204 -17.40 10.01 -2.85
C SER A 204 -15.95 10.12 -3.28
N ALA A 205 -15.23 11.16 -2.86
CA ALA A 205 -13.83 11.27 -3.23
C ALA A 205 -13.01 10.13 -2.66
N VAL A 206 -13.40 9.65 -1.47
CA VAL A 206 -12.65 8.62 -0.80
C VAL A 206 -13.04 7.26 -1.31
N LEU A 207 -14.33 7.04 -1.58
CA LEU A 207 -14.73 5.80 -2.24
C LEU A 207 -13.98 5.66 -3.55
N PHE A 208 -13.86 6.75 -4.31
CA PHE A 208 -13.10 6.69 -5.54
C PHE A 208 -11.65 6.37 -5.26
N GLU A 209 -11.06 7.00 -4.23
CA GLU A 209 -9.67 6.74 -3.91
C GLU A 209 -9.44 5.28 -3.55
N LEU A 210 -10.42 4.62 -2.90
CA LEU A 210 -10.28 3.18 -2.64
C LEU A 210 -9.94 2.41 -3.92
N PHE A 211 -10.50 2.83 -5.05
CA PHE A 211 -10.27 2.17 -6.34
C PHE A 211 -8.97 2.64 -6.97
N GLU A 212 -8.77 3.95 -7.02
CA GLU A 212 -7.55 4.49 -7.59
C GLU A 212 -6.32 3.98 -6.86
N ALA A 213 -6.41 3.82 -5.54
CA ALA A 213 -5.27 3.30 -4.79
C ALA A 213 -4.92 1.88 -5.19
N ASN A 214 -5.81 1.17 -5.89
CA ASN A 214 -5.65 -0.26 -6.10
C ASN A 214 -5.78 -0.67 -7.55
N GLY A 215 -5.47 0.23 -8.48
CA GLY A 215 -5.33 -0.12 -9.89
C GLY A 215 -6.55 0.09 -10.76
N TYR A 216 -7.67 0.59 -10.21
CA TYR A 216 -8.93 0.71 -10.92
C TYR A 216 -9.34 2.18 -11.00
N VAL A 217 -9.96 2.55 -12.12
CA VAL A 217 -10.57 3.87 -12.28
C VAL A 217 -12.07 3.74 -12.03
N PRO A 218 -12.62 4.40 -11.06
CA PRO A 218 -14.02 4.21 -10.76
C PRO A 218 -15.06 5.02 -11.45
N GLU A 219 -16.24 4.46 -11.48
CA GLU A 219 -17.36 5.12 -12.05
C GLU A 219 -18.50 4.85 -11.18
N LYS A 220 -19.29 5.84 -10.86
CA LYS A 220 -20.45 5.64 -10.05
C LYS A 220 -21.50 5.27 -11.00
N LEU A 221 -22.14 4.15 -10.81
CA LEU A 221 -23.16 3.66 -11.73
C LEU A 221 -24.56 4.08 -11.33
N HIS A 222 -24.81 4.18 -10.03
CA HIS A 222 -26.13 4.43 -9.47
C HIS A 222 -25.96 4.85 -8.02
N SER A 223 -26.87 5.65 -7.52
CA SER A 223 -26.84 6.18 -6.18
C SER A 223 -28.23 6.35 -5.67
N GLN A 224 -28.44 6.38 -4.37
CA GLN A 224 -29.76 6.52 -3.82
C GLN A 224 -29.73 6.97 -2.44
N ILE A 225 -30.66 7.79 -2.00
CA ILE A 225 -30.67 8.24 -0.66
C ILE A 225 -31.51 7.33 0.09
N VAL A 226 -31.03 6.83 1.19
CA VAL A 226 -31.80 5.91 1.96
C VAL A 226 -31.86 6.42 3.34
N LEU A 227 -32.66 5.76 4.13
CA LEU A 227 -32.87 6.18 5.46
C LEU A 227 -32.38 5.14 6.30
N GLN A 228 -31.76 5.49 7.37
CA GLN A 228 -31.23 4.48 8.18
C GLN A 228 -32.12 4.32 9.34
N HIS A 229 -32.16 3.16 9.93
CA HIS A 229 -33.03 2.91 11.06
C HIS A 229 -32.78 3.94 12.06
N ALA A 230 -33.71 4.12 12.96
CA ALA A 230 -33.54 5.14 13.93
C ALA A 230 -32.64 4.69 15.04
N GLY A 231 -32.50 3.41 15.25
CA GLY A 231 -31.65 2.98 16.34
C GLY A 231 -30.19 2.74 15.98
N THR A 232 -29.66 3.45 14.99
CA THR A 232 -28.37 3.05 14.42
C THR A 232 -27.24 3.97 14.87
N ASP A 233 -26.10 3.36 15.14
CA ASP A 233 -24.95 4.01 15.74
C ASP A 233 -24.05 4.56 14.63
N ILE A 234 -23.84 5.87 14.65
CA ILE A 234 -22.92 6.56 13.75
C ILE A 234 -21.74 7.17 14.51
N SER A 235 -21.45 6.65 15.71
CA SER A 235 -20.30 7.10 16.49
C SER A 235 -19.04 7.11 15.65
N PHE A 236 -18.84 6.07 14.82
CA PHE A 236 -17.63 5.94 14.02
C PHE A 236 -17.48 7.09 13.06
N PHE A 237 -18.60 7.57 12.51
CA PHE A 237 -18.52 8.67 11.56
C PHE A 237 -18.29 10.01 12.23
N VAL A 238 -18.82 10.22 13.44
CA VAL A 238 -18.49 11.48 14.12
C VAL A 238 -17.07 11.39 14.66
N ALA A 239 -16.62 10.19 15.04
CA ALA A 239 -15.21 10.01 15.38
C ALA A 239 -14.30 10.37 14.21
N LEU A 240 -14.75 10.11 12.98
CA LEU A 240 -13.97 10.47 11.80
C LEU A 240 -13.72 11.97 11.72
N GLU A 241 -14.72 12.77 11.79
CA GLU A 241 -14.48 14.16 11.63
C GLU A 241 -13.87 14.89 12.81
N ASN A 242 -13.39 14.19 13.80
CA ASN A 242 -12.85 14.83 15.00
C ASN A 242 -11.36 14.54 15.21
N ALA A 243 -10.95 13.28 15.24
CA ALA A 243 -9.54 13.00 15.37
C ALA A 243 -8.77 13.59 14.18
N LEU A 244 -7.47 13.78 14.36
CA LEU A 244 -6.61 14.39 13.36
C LEU A 244 -6.14 13.53 12.19
N ALA A 245 -5.22 14.06 11.39
CA ALA A 245 -4.71 13.35 10.21
C ALA A 245 -3.73 12.21 10.50
N GLN A 246 -3.21 11.57 9.46
CA GLN A 246 -2.26 10.46 9.61
C GLN A 246 -1.24 10.81 10.68
N THR A 247 -0.80 12.05 10.65
CA THR A 247 0.12 12.53 11.62
C THR A 247 -0.61 13.59 12.43
N GLY A 248 0.07 14.20 13.37
CA GLY A 248 -0.57 15.20 14.20
C GLY A 248 -0.96 16.42 13.43
N LEU A 249 -1.22 16.23 12.16
CA LEU A 249 -1.57 17.34 11.29
C LEU A 249 -3.01 17.78 11.14
N GLU A 250 -3.16 19.05 10.81
CA GLU A 250 -4.46 19.66 10.69
C GLU A 250 -5.40 18.89 9.83
N ARG A 251 -6.70 18.90 10.10
CA ARG A 251 -7.64 18.22 9.19
C ARG A 251 -9.08 18.66 9.21
N GLU A 252 -9.65 18.79 8.04
CA GLU A 252 -11.03 19.16 7.87
C GLU A 252 -11.70 18.04 7.10
N PHE A 253 -12.83 17.56 7.60
CA PHE A 253 -13.49 16.48 6.94
C PHE A 253 -14.83 16.30 7.52
N THR A 254 -15.80 16.15 6.65
CA THR A 254 -17.13 15.89 7.10
C THR A 254 -17.77 14.85 6.33
N CYS A 255 -18.47 14.00 7.03
CA CYS A 255 -19.24 12.94 6.40
C CYS A 255 -20.50 13.51 5.75
N GLU A 256 -20.94 12.83 4.68
CA GLU A 256 -22.15 13.22 3.97
C GLU A 256 -23.35 12.47 4.57
N PHE A 257 -24.22 13.24 5.22
CA PHE A 257 -25.53 12.81 5.66
C PHE A 257 -26.58 13.76 5.07
N TYR A 258 -27.85 13.38 5.21
CA TYR A 258 -28.93 14.14 4.61
C TYR A 258 -30.13 14.15 5.56
N GLY A 259 -30.82 15.30 5.60
CA GLY A 259 -31.92 15.53 6.51
C GLY A 259 -33.24 15.00 5.97
N ASP A 260 -33.30 15.01 4.65
CA ASP A 260 -34.41 14.58 3.87
C ASP A 260 -34.12 13.47 2.94
N PRO A 261 -35.23 12.76 2.57
CA PRO A 261 -35.00 11.64 1.70
C PRO A 261 -34.70 12.04 0.32
N GLU A 262 -34.47 13.29 0.07
CA GLU A 262 -34.12 13.69 -1.27
C GLU A 262 -32.74 14.17 -1.31
N GLY A 263 -32.14 14.34 -0.16
CA GLY A 263 -30.78 14.81 -0.09
C GLY A 263 -30.71 16.28 -0.35
N ALA A 264 -31.78 16.97 -0.04
CA ALA A 264 -31.74 18.41 -0.28
C ALA A 264 -30.82 19.10 0.72
N THR A 265 -31.01 18.83 2.00
CA THR A 265 -30.24 19.45 3.07
C THR A 265 -29.12 18.52 3.51
N ARG A 266 -27.90 19.06 3.60
CA ARG A 266 -26.74 18.28 4.00
C ARG A 266 -26.48 18.41 5.49
N LEU A 267 -25.60 17.56 6.02
CA LEU A 267 -25.27 17.57 7.43
C LEU A 267 -24.08 16.67 7.73
N SER A 268 -23.19 17.14 8.61
CA SER A 268 -22.02 16.38 8.99
C SER A 268 -22.34 15.31 10.03
N ALA A 269 -21.44 14.37 10.21
CA ALA A 269 -21.63 13.29 11.19
C ALA A 269 -21.96 13.86 12.56
N THR A 270 -21.35 14.99 12.90
CA THR A 270 -21.58 15.63 14.19
C THR A 270 -22.99 16.24 14.25
N GLU A 271 -23.47 16.72 13.12
CA GLU A 271 -24.79 17.32 13.05
C GLU A 271 -25.91 16.35 13.02
N ALA A 272 -25.78 15.25 12.35
CA ALA A 272 -26.86 14.34 12.33
C ALA A 272 -26.98 13.66 13.65
N GLN A 273 -25.97 13.79 14.44
CA GLN A 273 -26.02 13.17 15.73
C GLN A 273 -26.70 14.07 16.71
N ALA A 274 -26.94 15.31 16.29
CA ALA A 274 -27.60 16.30 17.13
C ALA A 274 -29.08 15.98 17.25
N LEU A 275 -29.77 15.93 16.12
CA LEU A 275 -31.19 15.63 16.09
C LEU A 275 -31.44 14.33 16.85
N VAL A 276 -30.43 13.47 16.88
CA VAL A 276 -30.53 12.19 17.57
C VAL A 276 -30.05 12.31 19.01
N ASP A 277 -30.04 13.53 19.53
CA ASP A 277 -29.61 13.78 20.89
C ASP A 277 -30.74 14.58 21.53
N THR A 278 -31.32 15.47 20.75
CA THR A 278 -32.43 16.28 21.21
C THR A 278 -33.69 15.54 20.79
N ASP A 279 -33.51 14.48 19.98
CA ASP A 279 -34.64 13.70 19.53
C ASP A 279 -34.47 12.21 19.80
N SER A 280 -35.16 11.34 19.10
CA SER A 280 -35.04 9.92 19.36
C SER A 280 -35.42 9.16 18.15
N ALA A 281 -36.17 9.81 17.31
CA ALA A 281 -36.60 9.16 16.12
C ALA A 281 -36.41 10.02 14.98
N ALA A 282 -35.57 11.02 15.10
CA ALA A 282 -35.26 11.90 14.00
C ALA A 282 -34.96 11.06 12.79
N GLU A 283 -35.09 11.60 11.62
CA GLU A 283 -34.95 10.85 10.38
C GLU A 283 -33.67 11.27 9.67
N ILE A 284 -32.71 10.34 9.58
CA ILE A 284 -31.39 10.58 9.02
C ILE A 284 -31.28 9.81 7.72
N TYR A 285 -30.55 10.37 6.76
CA TYR A 285 -30.39 9.75 5.46
C TYR A 285 -28.93 9.78 5.04
N HIS A 286 -28.56 8.84 4.17
CA HIS A 286 -27.21 8.80 3.62
C HIS A 286 -27.23 8.14 2.26
N GLU A 287 -26.25 8.49 1.44
CA GLU A 287 -26.16 7.88 0.13
C GLU A 287 -25.75 6.42 0.27
N VAL A 288 -26.29 5.58 -0.62
CA VAL A 288 -25.79 4.25 -0.90
C VAL A 288 -25.55 4.21 -2.41
N CYS A 289 -24.38 3.75 -2.84
CA CYS A 289 -24.10 3.79 -4.27
C CYS A 289 -23.32 2.58 -4.69
N VAL A 290 -23.38 2.34 -5.99
CA VAL A 290 -22.68 1.26 -6.64
C VAL A 290 -21.60 1.88 -7.51
N ILE A 291 -20.36 1.45 -7.31
CA ILE A 291 -19.23 1.96 -8.07
C ILE A 291 -18.62 0.79 -8.85
N ARG A 292 -18.37 1.02 -10.13
CA ARG A 292 -17.60 0.09 -10.93
C ARG A 292 -16.16 0.56 -10.96
N GLY A 293 -15.24 -0.38 -10.76
CA GLY A 293 -13.82 -0.16 -10.96
C GLY A 293 -13.40 -0.87 -12.22
N ARG A 294 -12.87 -0.12 -13.18
CA ARG A 294 -12.47 -0.72 -14.44
C ARG A 294 -10.98 -0.54 -14.61
N PRO A 295 -10.23 -1.57 -14.72
CA PRO A 295 -8.81 -1.44 -14.82
C PRO A 295 -8.38 -0.85 -16.08
N ALA A 296 -7.13 -0.49 -16.20
CA ALA A 296 -6.57 0.04 -17.41
C ALA A 296 -7.10 -0.62 -18.66
N ALA B 17 18.46 31.15 -17.55
CA ALA B 17 18.77 30.36 -16.36
C ALA B 17 17.68 30.41 -15.34
N PHE B 18 17.97 29.84 -14.20
CA PHE B 18 17.05 29.70 -13.12
C PHE B 18 16.76 30.91 -12.29
N ASP B 19 15.80 30.80 -11.38
CA ASP B 19 15.44 31.91 -10.52
C ASP B 19 16.04 31.62 -9.15
N PRO B 20 16.64 32.61 -8.49
CA PRO B 20 17.23 32.30 -7.19
C PRO B 20 16.24 32.40 -6.10
N THR B 21 15.08 32.96 -6.40
CA THR B 21 14.04 33.16 -5.40
C THR B 21 13.25 31.88 -5.16
N ASP B 22 13.48 30.91 -6.04
CA ASP B 22 12.81 29.62 -5.94
C ASP B 22 13.61 28.37 -6.10
N PRO B 23 14.33 28.01 -5.09
CA PRO B 23 15.15 26.81 -5.14
C PRO B 23 14.43 25.54 -5.52
N TRP B 24 13.35 25.24 -4.88
CA TRP B 24 12.67 24.00 -5.23
C TRP B 24 12.55 23.83 -6.74
N THR B 25 12.11 24.88 -7.44
CA THR B 25 11.94 24.77 -8.88
C THR B 25 13.26 24.79 -9.62
N GLU B 26 14.29 25.46 -9.09
CA GLU B 26 15.61 25.34 -9.69
C GLU B 26 16.08 23.89 -9.64
N THR B 27 15.98 23.26 -8.46
CA THR B 27 16.46 21.90 -8.37
C THR B 27 15.56 20.96 -9.17
N PHE B 28 14.26 21.25 -9.22
CA PHE B 28 13.36 20.43 -10.01
C PHE B 28 13.70 20.50 -11.50
N GLN B 29 13.93 21.71 -12.00
CA GLN B 29 14.32 21.87 -13.39
C GLN B 29 15.70 21.32 -13.66
N ARG B 30 16.53 21.34 -12.68
CA ARG B 30 17.80 20.83 -12.94
C ARG B 30 17.64 19.39 -13.13
N GLY B 31 16.93 18.79 -12.22
CA GLY B 31 16.68 17.39 -12.32
C GLY B 31 16.19 16.99 -13.67
N LEU B 32 15.23 17.68 -14.18
CA LEU B 32 14.69 17.38 -15.46
C LEU B 32 15.78 17.40 -16.46
N GLU B 33 16.68 18.33 -16.35
CA GLU B 33 17.75 18.32 -17.32
C GLU B 33 18.59 17.03 -17.25
N ILE B 34 18.78 16.47 -16.05
CA ILE B 34 19.59 15.27 -15.91
C ILE B 34 18.81 14.00 -16.29
N ALA B 35 17.48 14.03 -16.23
CA ALA B 35 16.68 12.84 -16.53
C ALA B 35 16.78 12.38 -17.97
N GLY B 36 17.31 13.21 -18.87
CA GLY B 36 17.38 12.85 -20.27
C GLY B 36 16.05 12.63 -20.94
N LEU B 37 15.29 13.71 -21.11
CA LEU B 37 14.02 13.66 -21.81
C LEU B 37 14.13 14.03 -23.27
N GLY B 38 15.36 14.12 -23.80
CA GLY B 38 15.52 14.35 -25.20
C GLY B 38 14.89 13.21 -25.99
N GLY B 39 13.81 13.50 -26.70
CA GLY B 39 13.14 12.54 -27.56
C GLY B 39 11.88 11.94 -26.98
N LYS B 40 11.66 12.15 -25.73
CA LYS B 40 10.56 11.53 -25.09
C LYS B 40 9.30 12.28 -25.08
N ARG B 41 8.27 11.60 -24.67
CA ARG B 41 6.96 12.16 -24.55
C ARG B 41 6.78 12.30 -23.10
N VAL B 42 6.49 13.48 -22.62
CA VAL B 42 6.32 13.70 -21.23
C VAL B 42 4.99 14.22 -20.79
N TYR B 43 4.60 13.84 -19.61
CA TYR B 43 3.37 14.35 -19.00
C TYR B 43 3.73 14.94 -17.65
N GLU B 44 3.29 16.17 -17.39
CA GLU B 44 3.56 16.85 -16.14
C GLU B 44 2.27 17.04 -15.35
N VAL B 45 2.19 16.47 -14.16
CA VAL B 45 1.05 16.76 -13.31
C VAL B 45 1.31 18.07 -12.58
N GLY B 46 0.36 19.01 -12.67
CA GLY B 46 0.57 20.34 -12.15
C GLY B 46 1.37 21.25 -13.05
N ILE B 47 0.91 21.46 -14.30
CA ILE B 47 1.63 22.32 -15.24
C ILE B 47 1.66 23.77 -14.78
N GLY B 48 0.73 24.16 -13.93
CA GLY B 48 0.71 25.51 -13.41
C GLY B 48 0.67 26.55 -14.51
N THR B 49 1.68 27.40 -14.52
CA THR B 49 1.78 28.49 -15.47
C THR B 49 2.51 28.10 -16.74
N GLY B 50 3.14 26.92 -16.78
CA GLY B 50 3.79 26.40 -17.98
C GLY B 50 5.29 26.63 -18.05
N ILE B 51 5.93 26.99 -16.95
CA ILE B 51 7.34 27.37 -17.01
C ILE B 51 8.24 26.14 -17.12
N ASN B 52 7.89 25.04 -16.43
CA ASN B 52 8.62 23.78 -16.61
C ASN B 52 8.32 23.17 -17.97
N VAL B 53 7.08 23.34 -18.46
CA VAL B 53 6.73 22.86 -19.80
C VAL B 53 7.64 23.50 -20.85
N ALA B 54 7.76 24.82 -20.79
CA ALA B 54 8.71 25.51 -21.65
C ALA B 54 10.14 25.08 -21.38
N PHE B 55 10.47 24.87 -20.10
CA PHE B 55 11.84 24.48 -19.76
C PHE B 55 12.19 23.12 -20.35
N MET B 56 11.28 22.15 -20.25
CA MET B 56 11.52 20.85 -20.87
C MET B 56 11.59 20.97 -22.38
N LEU B 57 10.69 21.78 -22.97
CA LEU B 57 10.64 21.90 -24.42
C LEU B 57 11.93 22.48 -24.97
N GLN B 58 12.42 23.52 -24.34
CA GLN B 58 13.56 24.25 -24.81
C GLN B 58 14.91 23.91 -24.32
N ILE B 59 15.03 23.42 -23.13
CA ILE B 59 16.30 23.02 -22.54
C ILE B 59 16.51 21.53 -22.58
N CYS B 60 15.44 20.82 -22.41
CA CYS B 60 15.51 19.41 -22.42
C CYS B 60 15.27 18.82 -23.78
N GLU B 61 14.58 19.53 -24.62
CA GLU B 61 14.32 19.02 -25.92
C GLU B 61 13.49 17.77 -25.89
N ALA B 62 12.27 17.92 -25.43
CA ALA B 62 11.37 16.85 -25.34
C ALA B 62 10.63 16.72 -26.60
N ALA B 63 10.27 15.51 -26.92
CA ALA B 63 9.56 15.28 -28.11
C ALA B 63 8.31 16.05 -28.07
N LEU B 64 7.45 15.72 -27.11
CA LEU B 64 6.18 16.39 -26.97
C LEU B 64 5.83 16.42 -25.50
N VAL B 65 5.12 17.45 -25.07
CA VAL B 65 4.78 17.52 -23.69
C VAL B 65 3.35 17.74 -23.49
N SER B 66 2.85 17.11 -22.48
CA SER B 66 1.46 17.26 -22.11
C SER B 66 1.39 17.39 -20.60
N GLY B 67 0.19 17.62 -20.09
CA GLY B 67 0.02 17.80 -18.66
C GLY B 67 -1.32 18.43 -18.33
N SER B 68 -1.53 18.62 -17.03
CA SER B 68 -2.81 19.07 -16.53
C SER B 68 -2.58 19.80 -15.21
N ASP B 69 -3.66 20.37 -14.67
CA ASP B 69 -3.57 21.08 -13.40
C ASP B 69 -4.93 21.02 -12.71
N LEU B 70 -4.91 20.98 -11.39
CA LEU B 70 -6.15 21.03 -10.61
C LEU B 70 -6.95 22.30 -10.93
N ASP B 71 -6.28 23.44 -10.97
CA ASP B 71 -6.88 24.70 -11.37
C ASP B 71 -7.29 24.62 -12.84
N PRO B 72 -8.57 24.63 -13.16
CA PRO B 72 -9.00 24.34 -14.54
C PRO B 72 -8.65 25.43 -15.54
N ARG B 73 -8.23 26.57 -15.09
CA ARG B 73 -7.92 27.59 -16.02
C ARG B 73 -6.47 27.66 -16.38
N LEU B 74 -5.61 27.23 -15.51
CA LEU B 74 -4.18 27.32 -15.79
C LEU B 74 -3.85 26.81 -17.19
N ALA B 75 -4.44 25.68 -17.59
CA ALA B 75 -4.17 25.09 -18.89
C ALA B 75 -4.30 26.11 -20.03
N GLY B 76 -5.37 26.91 -20.03
CA GLY B 76 -5.50 27.96 -21.03
C GLY B 76 -4.40 29.01 -20.90
N LEU B 77 -4.15 29.47 -19.68
CA LEU B 77 -3.08 30.43 -19.44
C LEU B 77 -1.72 29.84 -19.81
N ALA B 78 -1.52 28.57 -19.59
CA ALA B 78 -0.23 28.04 -19.91
C ALA B 78 0.12 27.98 -21.35
N GLU B 79 -0.79 27.57 -22.19
CA GLU B 79 -0.48 27.49 -23.60
C GLU B 79 0.01 28.80 -24.09
N ARG B 80 -0.63 29.87 -23.66
CA ARG B 80 -0.20 31.16 -24.08
C ARG B 80 1.18 31.34 -23.56
N ASN B 81 1.32 31.17 -22.28
CA ASN B 81 2.64 31.39 -21.71
C ASN B 81 3.72 30.74 -22.55
N VAL B 82 3.62 29.45 -22.74
CA VAL B 82 4.63 28.75 -23.47
C VAL B 82 4.95 29.37 -24.77
N ARG B 83 3.90 29.65 -25.50
CA ARG B 83 4.02 30.21 -26.79
C ARG B 83 4.95 31.38 -26.77
N ASP B 84 4.93 32.14 -25.71
CA ASP B 84 5.80 33.28 -25.59
C ASP B 84 7.18 32.92 -25.13
N LEU B 85 7.31 31.90 -24.31
CA LEU B 85 8.61 31.45 -23.81
C LEU B 85 9.24 30.39 -24.70
N ALA B 86 8.44 29.53 -25.33
CA ALA B 86 8.95 28.54 -26.28
C ALA B 86 8.26 28.69 -27.64
N PRO B 87 8.47 29.80 -28.26
CA PRO B 87 7.84 30.06 -29.52
C PRO B 87 8.22 29.11 -30.60
N ARG B 88 9.45 28.70 -30.67
CA ARG B 88 9.87 27.81 -31.71
C ARG B 88 9.17 26.51 -31.54
N ARG B 89 9.37 25.91 -30.40
CA ARG B 89 8.75 24.68 -30.11
C ARG B 89 7.46 25.13 -29.62
N ALA B 90 6.80 24.39 -28.82
CA ALA B 90 5.51 24.93 -28.37
C ALA B 90 4.40 24.44 -29.20
N ASP B 91 4.75 23.82 -30.28
CA ASP B 91 3.78 23.24 -31.15
C ASP B 91 3.75 21.89 -30.56
N ARG B 92 4.72 21.62 -29.71
CA ARG B 92 4.78 20.32 -29.13
C ARG B 92 4.27 20.28 -27.70
N PHE B 93 3.34 21.14 -27.37
CA PHE B 93 2.75 21.23 -26.03
C PHE B 93 1.25 21.13 -26.15
N HIS B 94 0.69 20.01 -25.78
CA HIS B 94 -0.74 19.80 -25.82
C HIS B 94 -1.29 19.50 -24.49
N PRO B 95 -1.79 20.60 -23.85
CA PRO B 95 -2.33 20.36 -22.52
C PRO B 95 -3.63 19.70 -22.49
N VAL B 96 -4.08 19.31 -21.32
CA VAL B 96 -5.35 18.66 -21.19
C VAL B 96 -6.18 19.55 -20.34
N GLU B 97 -7.31 19.94 -20.83
CA GLU B 97 -8.18 20.83 -20.13
C GLU B 97 -8.99 20.22 -19.07
N GLY B 98 -9.45 21.04 -18.16
CA GLY B 98 -10.31 20.60 -17.10
C GLY B 98 -9.63 20.67 -15.80
N ALA B 99 -10.44 20.49 -14.76
CA ALA B 99 -9.99 20.43 -13.38
C ALA B 99 -9.59 18.97 -13.30
N VAL B 100 -8.29 18.74 -13.25
CA VAL B 100 -7.73 17.39 -13.28
C VAL B 100 -6.96 17.21 -11.98
N SER B 101 -7.56 16.55 -11.00
CA SER B 101 -6.79 16.13 -9.84
C SER B 101 -5.92 14.93 -10.24
N LEU B 102 -4.60 15.05 -10.03
CA LEU B 102 -3.61 14.04 -10.40
C LEU B 102 -3.78 13.75 -11.89
N ILE B 103 -4.11 12.52 -12.27
CA ILE B 103 -4.39 12.25 -13.68
C ILE B 103 -5.81 11.74 -13.94
N ASP B 104 -6.76 12.13 -13.08
CA ASP B 104 -8.07 11.47 -12.96
C ASP B 104 -9.13 11.98 -13.93
N THR B 105 -8.80 12.08 -15.21
CA THR B 105 -9.83 12.24 -16.24
C THR B 105 -9.45 11.35 -17.41
N PRO B 106 -10.45 10.85 -18.15
CA PRO B 106 -10.11 9.95 -19.28
C PRO B 106 -9.11 10.54 -20.25
N GLU B 107 -9.22 11.84 -20.55
CA GLU B 107 -8.23 12.46 -21.43
C GLU B 107 -6.85 12.42 -20.79
N ALA B 108 -6.76 12.73 -19.50
CA ALA B 108 -5.46 12.71 -18.83
C ALA B 108 -4.85 11.31 -18.85
N ARG B 109 -5.65 10.30 -18.53
CA ARG B 109 -5.11 8.94 -18.53
C ARG B 109 -4.67 8.55 -19.92
N ALA B 110 -5.47 8.88 -20.94
CA ALA B 110 -5.06 8.68 -22.32
C ALA B 110 -3.67 9.26 -22.57
N GLN B 111 -3.48 10.53 -22.23
CA GLN B 111 -2.16 11.14 -22.45
C GLN B 111 -1.09 10.49 -21.58
N VAL B 112 -1.41 10.17 -20.32
CA VAL B 112 -0.43 9.51 -19.47
C VAL B 112 -0.14 8.11 -20.00
N GLY B 113 -1.16 7.44 -20.41
CA GLY B 113 -0.97 6.13 -20.93
C GLY B 113 -0.02 6.00 -22.05
N ARG B 114 0.31 7.09 -22.70
CA ARG B 114 1.21 7.01 -23.79
C ARG B 114 2.39 7.86 -23.69
N SER B 115 2.83 8.13 -22.50
CA SER B 115 3.99 8.92 -22.29
C SER B 115 5.10 8.05 -21.84
N ASP B 116 6.31 8.55 -21.89
CA ASP B 116 7.45 7.79 -21.49
C ASP B 116 7.87 8.20 -20.14
N VAL B 117 7.52 9.38 -19.75
CA VAL B 117 7.95 9.98 -18.48
C VAL B 117 6.81 10.84 -17.94
N ILE B 118 6.36 10.56 -16.73
CA ILE B 118 5.47 11.44 -15.99
C ILE B 118 6.30 12.19 -14.97
N VAL B 119 6.10 13.52 -14.91
CA VAL B 119 6.89 14.36 -14.02
C VAL B 119 5.98 15.28 -13.22
N GLY B 120 6.44 15.62 -12.03
CA GLY B 120 5.63 16.43 -11.16
C GLY B 120 6.42 16.96 -9.99
N CYS B 121 6.09 18.17 -9.58
CA CYS B 121 6.48 18.70 -8.29
C CYS B 121 5.17 18.93 -7.56
N LEU B 122 4.89 18.10 -6.57
CA LEU B 122 3.55 17.96 -6.04
C LEU B 122 3.47 18.43 -4.58
N PRO B 123 2.30 18.92 -4.16
CA PRO B 123 2.13 19.38 -2.78
C PRO B 123 2.55 18.31 -1.80
N GLN B 124 3.04 18.74 -0.64
CA GLN B 124 3.64 17.80 0.31
C GLN B 124 4.00 18.56 1.58
N VAL B 125 3.77 17.94 2.74
CA VAL B 125 4.22 18.54 3.98
C VAL B 125 5.68 18.91 3.84
N GLY B 126 6.00 20.15 4.21
CA GLY B 126 7.35 20.67 4.10
C GLY B 126 7.61 21.48 2.86
N GLU B 127 6.66 21.57 1.93
CA GLU B 127 6.79 22.55 0.86
C GLU B 127 6.90 23.95 1.45
N PRO B 128 7.44 24.91 0.70
CA PRO B 128 7.50 26.29 1.20
C PRO B 128 6.10 26.80 1.56
N ASP B 129 6.02 27.51 2.63
CA ASP B 129 4.78 28.02 3.09
C ASP B 129 4.17 29.00 2.16
N ASP B 130 4.97 29.74 1.45
CA ASP B 130 4.54 30.73 0.53
C ASP B 130 4.34 30.18 -0.82
N VAL B 131 4.18 28.90 -0.95
CA VAL B 131 4.09 28.39 -2.31
C VAL B 131 2.71 28.67 -2.89
N ARG B 132 1.67 28.61 -2.08
CA ARG B 132 0.36 28.97 -2.61
C ARG B 132 0.33 30.42 -3.04
N LEU B 133 1.06 31.28 -2.31
CA LEU B 133 1.09 32.70 -2.62
C LEU B 133 1.89 32.99 -3.88
N ARG B 134 3.00 32.28 -4.08
CA ARG B 134 3.75 32.45 -5.32
C ARG B 134 2.91 32.05 -6.53
N ALA B 135 2.06 31.04 -6.40
CA ALA B 135 1.30 30.59 -7.57
C ALA B 135 0.22 31.61 -7.93
N PHE B 136 -0.36 32.23 -6.96
CA PHE B 136 -1.34 33.21 -7.19
C PHE B 136 -0.73 34.33 -7.91
N ARG B 137 0.44 34.76 -7.45
CA ARG B 137 1.14 35.89 -8.05
C ARG B 137 1.60 35.55 -9.45
N THR B 138 2.13 34.34 -9.61
CA THR B 138 2.59 33.91 -10.93
C THR B 138 1.45 33.82 -11.92
N ALA B 139 0.28 33.34 -11.47
CA ALA B 139 -0.89 33.36 -12.31
C ALA B 139 -1.33 34.79 -12.61
N GLN B 140 -1.33 35.66 -11.58
CA GLN B 140 -1.65 37.08 -11.75
C GLN B 140 -0.73 37.73 -12.79
N ALA B 141 0.59 37.55 -12.61
CA ALA B 141 1.54 38.11 -13.56
C ALA B 141 1.28 37.61 -14.97
N ALA B 142 1.11 36.33 -15.15
CA ALA B 142 0.90 35.81 -16.46
C ALA B 142 -0.38 36.14 -17.15
N ALA B 143 -1.44 36.38 -16.42
CA ALA B 143 -2.70 36.68 -17.04
C ALA B 143 -2.91 38.14 -17.09
N LEU B 144 -1.82 38.79 -17.33
CA LEU B 144 -1.77 40.20 -17.42
C LEU B 144 -0.87 40.38 -18.59
N ALA B 145 0.22 39.64 -18.64
CA ALA B 145 1.08 39.68 -19.77
C ALA B 145 0.37 39.11 -20.94
N ALA B 146 -0.89 38.76 -20.78
CA ALA B 146 -1.67 38.19 -21.82
C ALA B 146 -3.07 38.76 -21.79
N GLY B 147 -3.16 40.06 -21.70
CA GLY B 147 -4.48 40.68 -21.65
C GLY B 147 -4.51 42.01 -20.94
N ALA B 148 -4.97 42.03 -19.70
CA ALA B 148 -5.49 40.89 -19.04
C ALA B 148 -6.91 41.29 -19.01
N ASP B 149 -7.34 42.20 -18.14
CA ASP B 149 -6.58 42.84 -17.09
C ASP B 149 -7.60 42.67 -15.97
N THR B 150 -7.69 41.45 -15.44
CA THR B 150 -8.67 40.96 -14.45
C THR B 150 -8.56 41.15 -12.92
N ARG B 151 -9.44 40.46 -12.20
CA ARG B 151 -9.47 40.53 -10.77
C ARG B 151 -8.75 39.44 -9.96
N ASP B 152 -9.46 38.60 -9.22
CA ASP B 152 -8.77 37.61 -8.39
C ASP B 152 -9.31 36.23 -8.48
N GLU B 153 -9.26 35.79 -9.70
CA GLU B 153 -9.66 34.48 -10.09
C GLU B 153 -8.43 33.74 -10.49
N ASP B 154 -7.32 34.28 -10.11
CA ASP B 154 -6.10 33.66 -10.40
C ASP B 154 -6.03 33.13 -9.04
N HIS B 155 -6.85 32.12 -8.77
CA HIS B 155 -6.95 31.66 -7.43
C HIS B 155 -7.56 30.36 -6.97
N ILE B 156 -6.70 29.41 -6.72
CA ILE B 156 -7.14 28.13 -6.27
C ILE B 156 -7.99 28.26 -5.06
N ALA B 157 -9.22 27.86 -5.16
CA ALA B 157 -10.12 27.89 -4.02
C ALA B 157 -10.20 26.51 -3.42
N HIS B 158 -9.36 25.67 -3.98
CA HIS B 158 -9.28 24.31 -3.57
C HIS B 158 -9.06 24.11 -2.12
N TYR B 159 -9.66 23.05 -1.60
CA TYR B 159 -9.43 22.72 -0.23
C TYR B 159 -10.11 21.41 0.32
N TYR B 160 -10.23 20.37 -0.48
CA TYR B 160 -9.87 20.31 -1.92
C TYR B 160 -8.45 20.76 -2.33
N PRO B 161 -7.51 19.84 -2.30
CA PRO B 161 -7.84 18.49 -1.84
C PRO B 161 -6.79 17.97 -0.91
N TRP B 162 -7.16 17.02 -0.05
CA TRP B 162 -6.19 16.46 0.88
C TRP B 162 -6.68 15.25 1.68
N ALA B 163 -7.97 15.22 2.00
CA ALA B 163 -8.49 14.10 2.77
C ALA B 163 -8.57 12.71 2.22
N GLU B 164 -8.71 12.56 0.93
CA GLU B 164 -8.81 11.26 0.37
C GLU B 164 -7.49 10.62 0.34
N PHE B 165 -6.46 11.38 0.49
CA PHE B 165 -5.12 10.81 0.49
C PHE B 165 -4.62 10.53 1.89
N ASP B 166 -5.50 10.62 2.89
CA ASP B 166 -5.07 10.44 4.27
C ASP B 166 -4.75 8.98 4.58
N SER B 167 -5.30 8.03 3.84
CA SER B 167 -5.06 6.62 4.16
C SER B 167 -3.71 6.09 3.68
N TYR B 168 -3.05 6.79 2.75
CA TYR B 168 -1.84 6.25 2.13
C TYR B 168 -0.76 6.04 3.17
N PRO B 169 -0.14 4.86 3.22
CA PRO B 169 0.96 4.65 4.18
C PRO B 169 1.99 5.76 4.23
N PHE B 170 2.43 6.28 3.08
CA PHE B 170 3.47 7.30 3.09
C PHE B 170 2.91 8.70 3.37
N ASN B 171 1.63 8.81 3.67
CA ASN B 171 1.17 10.09 4.14
C ASN B 171 1.58 10.34 5.60
N SER B 172 2.00 9.28 6.31
CA SER B 172 2.54 9.44 7.65
C SER B 172 3.85 10.21 7.67
N VAL B 173 4.49 10.38 6.52
CA VAL B 173 5.63 11.27 6.39
C VAL B 173 5.31 12.43 5.44
N GLY B 174 4.02 12.67 5.20
CA GLY B 174 3.58 13.80 4.42
C GLY B 174 3.67 13.64 2.91
N LEU B 175 3.86 12.41 2.41
CA LEU B 175 3.98 12.15 0.97
C LEU B 175 2.75 11.46 0.38
N GLY B 176 1.61 11.52 1.08
CA GLY B 176 0.40 10.83 0.62
C GLY B 176 -0.01 11.15 -0.80
N LEU B 177 -0.04 12.43 -1.17
CA LEU B 177 -0.42 12.76 -2.55
C LEU B 177 0.59 12.18 -3.53
N ASN B 178 1.88 12.27 -3.20
CA ASN B 178 2.90 11.66 -4.05
C ASN B 178 2.68 10.14 -4.21
N GLU B 179 2.38 9.44 -3.12
CA GLU B 179 2.10 8.01 -3.24
C GLU B 179 0.87 7.78 -4.10
N ALA B 180 -0.19 8.57 -3.86
CA ALA B 180 -1.42 8.42 -4.63
C ALA B 180 -1.16 8.57 -6.12
N LEU B 181 -0.18 9.40 -6.49
CA LEU B 181 0.17 9.52 -7.89
C LEU B 181 0.82 8.24 -8.40
N LEU B 182 1.79 7.71 -7.65
CA LEU B 182 2.50 6.50 -8.11
C LEU B 182 1.53 5.34 -8.33
N ARG B 183 0.50 5.19 -7.48
CA ARG B 183 -0.48 4.14 -7.72
C ARG B 183 -1.17 4.33 -9.06
N ARG B 184 -1.42 5.58 -9.46
CA ARG B 184 -2.06 5.80 -10.75
C ARG B 184 -1.11 5.50 -11.91
N THR B 185 0.15 5.97 -11.84
CA THR B 185 1.04 5.81 -12.99
C THR B 185 1.40 4.34 -13.21
N ARG B 186 1.49 3.59 -12.16
CA ARG B 186 1.82 2.22 -12.29
C ARG B 186 0.80 1.44 -12.99
N ALA B 187 -0.44 1.82 -12.85
CA ALA B 187 -1.50 1.16 -13.51
C ALA B 187 -1.73 1.70 -14.87
N THR B 188 -1.63 2.99 -15.03
CA THR B 188 -1.87 3.62 -16.29
C THR B 188 -0.75 3.57 -17.27
N ALA B 189 0.45 3.70 -16.82
CA ALA B 189 1.62 3.64 -17.68
C ALA B 189 2.69 2.80 -17.00
N PRO B 190 2.49 1.48 -16.94
CA PRO B 190 3.43 0.61 -16.21
C PRO B 190 4.86 0.68 -16.69
N ALA B 191 5.12 1.08 -17.93
CA ALA B 191 6.50 1.15 -18.41
C ALA B 191 7.10 2.55 -18.27
N ALA B 192 6.33 3.53 -17.81
CA ALA B 192 6.78 4.92 -17.79
C ALA B 192 7.68 5.22 -16.58
N ASP B 193 8.72 5.99 -16.83
CA ASP B 193 9.48 6.61 -15.74
C ASP B 193 8.64 7.72 -15.08
N VAL B 194 8.76 7.85 -13.76
CA VAL B 194 8.06 8.87 -12.98
C VAL B 194 9.10 9.66 -12.22
N VAL B 195 9.18 10.97 -12.49
CA VAL B 195 10.22 11.83 -11.94
C VAL B 195 9.59 12.87 -11.02
N LEU B 196 10.05 12.94 -9.78
CA LEU B 196 9.34 13.71 -8.77
C LEU B 196 10.31 14.50 -7.91
N ASN B 197 9.82 15.64 -7.40
CA ASN B 197 10.57 16.56 -6.56
C ASN B 197 10.13 16.40 -5.12
N PHE B 198 11.09 16.32 -4.20
CA PHE B 198 10.80 16.13 -2.79
C PHE B 198 11.70 16.98 -1.93
N GLY B 199 11.16 17.43 -0.79
CA GLY B 199 11.98 17.87 0.31
C GLY B 199 12.36 16.63 1.09
N ALA B 200 13.65 16.50 1.41
CA ALA B 200 14.20 15.27 1.95
C ALA B 200 14.37 15.32 3.46
N ARG B 201 13.53 16.12 4.11
CA ARG B 201 13.56 16.25 5.56
C ARG B 201 13.40 14.88 6.22
N VAL B 202 12.50 14.06 5.68
CA VAL B 202 12.27 12.72 6.24
C VAL B 202 13.38 11.74 5.91
N GLY B 203 14.34 12.11 5.05
CA GLY B 203 15.48 11.27 4.73
C GLY B 203 15.38 10.61 3.37
N SER B 204 16.53 10.35 2.75
CA SER B 204 16.53 9.74 1.41
C SER B 204 16.02 8.30 1.42
N ALA B 205 16.24 7.57 2.51
CA ALA B 205 15.78 6.18 2.55
C ALA B 205 14.26 6.09 2.50
N VAL B 206 13.60 6.96 3.25
CA VAL B 206 12.13 7.03 3.24
C VAL B 206 11.62 7.39 1.85
N LEU B 207 12.26 8.37 1.20
CA LEU B 207 11.87 8.70 -0.16
C LEU B 207 12.10 7.52 -1.09
N PHE B 208 13.22 6.82 -0.94
CA PHE B 208 13.46 5.66 -1.80
C PHE B 208 12.42 4.59 -1.52
N GLU B 209 12.11 4.36 -0.25
CA GLU B 209 11.10 3.39 0.12
C GLU B 209 9.77 3.70 -0.56
N LEU B 210 9.41 4.98 -0.67
CA LEU B 210 8.16 5.36 -1.32
C LEU B 210 8.06 4.78 -2.73
N PHE B 211 9.16 4.81 -3.48
CA PHE B 211 9.13 4.25 -4.84
C PHE B 211 9.17 2.73 -4.79
N GLU B 212 10.13 2.21 -4.04
CA GLU B 212 10.28 0.77 -3.89
C GLU B 212 8.99 0.11 -3.40
N ALA B 213 8.27 0.77 -2.47
CA ALA B 213 6.98 0.23 -2.01
C ALA B 213 5.92 0.19 -3.09
N ASN B 214 6.09 0.94 -4.17
CA ASN B 214 5.05 1.07 -5.18
C ASN B 214 5.50 0.60 -6.56
N GLY B 215 6.47 -0.30 -6.61
CA GLY B 215 6.88 -0.89 -7.87
C GLY B 215 7.89 -0.13 -8.70
N TYR B 216 8.70 0.75 -8.09
CA TYR B 216 9.66 1.55 -8.83
C TYR B 216 11.02 1.44 -8.17
N VAL B 217 12.07 1.50 -8.99
CA VAL B 217 13.45 1.54 -8.51
C VAL B 217 13.87 3.00 -8.45
N PRO B 218 14.19 3.53 -7.32
CA PRO B 218 14.52 4.93 -7.28
C PRO B 218 15.91 5.35 -7.58
N GLU B 219 16.06 6.55 -8.09
CA GLU B 219 17.33 7.12 -8.39
C GLU B 219 17.27 8.58 -8.13
N LYS B 220 18.29 9.11 -7.50
CA LYS B 220 18.36 10.51 -7.21
C LYS B 220 19.03 11.14 -8.33
N LEU B 221 18.34 12.03 -8.98
CA LEU B 221 18.90 12.69 -10.16
C LEU B 221 19.70 13.94 -9.81
N HIS B 222 19.23 14.71 -8.83
CA HIS B 222 19.85 15.97 -8.45
C HIS B 222 19.32 16.36 -7.08
N SER B 223 20.13 17.07 -6.34
CA SER B 223 19.78 17.41 -4.98
C SER B 223 20.42 18.74 -4.66
N GLN B 224 19.69 19.58 -3.93
CA GLN B 224 20.23 20.87 -3.51
C GLN B 224 19.93 21.11 -2.06
N ILE B 225 20.81 21.84 -1.41
CA ILE B 225 20.57 22.29 -0.05
C ILE B 225 19.94 23.67 -0.15
N VAL B 226 18.77 23.83 0.46
CA VAL B 226 18.03 25.06 0.30
C VAL B 226 17.70 25.58 1.68
N LEU B 227 17.46 26.86 1.71
CA LEU B 227 17.17 27.56 2.91
C LEU B 227 15.74 27.55 3.23
N GLN B 228 15.44 27.32 4.47
CA GLN B 228 14.11 27.27 4.94
C GLN B 228 13.76 28.66 5.30
N HIS B 229 12.60 29.13 4.93
CA HIS B 229 12.34 30.45 5.28
C HIS B 229 12.19 30.40 6.71
N ALA B 230 12.44 31.51 7.38
CA ALA B 230 12.38 31.51 8.81
C ALA B 230 10.96 31.64 9.06
N GLY B 231 10.50 31.09 10.16
CA GLY B 231 9.11 31.18 10.46
C GLY B 231 8.41 29.90 10.19
N THR B 232 9.06 29.05 9.44
CA THR B 232 8.51 27.81 9.08
C THR B 232 8.33 26.89 10.25
N ASP B 233 7.12 26.42 10.44
CA ASP B 233 6.86 25.46 11.50
C ASP B 233 7.45 24.11 11.12
N ILE B 234 8.07 23.43 12.10
CA ILE B 234 8.63 22.11 11.82
C ILE B 234 8.27 21.14 12.94
N SER B 235 7.26 21.49 13.72
CA SER B 235 6.82 20.60 14.79
C SER B 235 6.42 19.24 14.24
N PHE B 236 5.90 19.20 13.02
CA PHE B 236 5.51 17.93 12.42
C PHE B 236 6.71 17.00 12.30
N PHE B 237 7.85 17.52 11.84
CA PHE B 237 9.04 16.69 11.70
C PHE B 237 9.63 16.35 13.06
N VAL B 238 9.57 17.26 14.03
CA VAL B 238 10.04 16.87 15.35
C VAL B 238 9.11 15.81 15.93
N ALA B 239 7.82 15.85 15.56
CA ALA B 239 6.87 14.85 16.05
C ALA B 239 7.21 13.47 15.52
N LEU B 240 7.71 13.40 14.28
CA LEU B 240 8.23 12.14 13.76
C LEU B 240 9.31 11.57 14.67
N GLU B 241 10.23 12.42 15.14
CA GLU B 241 11.35 11.97 15.96
C GLU B 241 10.95 11.52 17.35
N ASN B 242 9.67 11.58 17.71
CA ASN B 242 9.24 11.31 19.08
C ASN B 242 8.23 10.19 19.19
N ALA B 243 7.12 10.26 18.45
CA ALA B 243 6.15 9.18 18.49
C ALA B 243 6.83 7.85 18.13
N LEU B 244 6.21 6.75 18.57
CA LEU B 244 6.80 5.43 18.42
C LEU B 244 6.47 4.83 17.04
N ALA B 245 7.01 3.65 16.76
CA ALA B 245 6.69 2.97 15.51
C ALA B 245 5.28 2.38 15.58
N GLN B 246 4.79 2.00 14.43
CA GLN B 246 3.49 1.44 14.29
C GLN B 246 3.31 0.27 15.22
N THR B 247 4.44 -0.25 15.69
CA THR B 247 4.46 -1.39 16.61
C THR B 247 3.33 -1.37 17.66
N GLY B 248 3.33 -0.38 18.54
CA GLY B 248 4.33 0.69 18.56
C GLY B 248 5.40 0.57 19.64
N LEU B 249 6.61 0.27 19.20
CA LEU B 249 7.74 0.15 20.04
C LEU B 249 8.59 1.32 19.72
N GLU B 250 9.77 1.39 20.28
CA GLU B 250 10.67 2.50 20.11
C GLU B 250 11.23 2.70 18.75
N ARG B 251 11.42 3.94 18.29
CA ARG B 251 12.01 4.00 16.99
C ARG B 251 13.05 4.98 16.93
N GLU B 252 13.94 4.74 16.01
CA GLU B 252 15.00 5.70 15.84
C GLU B 252 14.86 6.39 14.50
N PHE B 253 14.24 7.57 14.56
CA PHE B 253 14.00 8.36 13.37
C PHE B 253 14.50 9.79 13.55
N THR B 254 15.46 10.17 12.72
CA THR B 254 16.06 11.50 12.76
C THR B 254 15.88 12.13 11.39
N CYS B 255 15.30 13.32 11.34
CA CYS B 255 15.12 14.05 10.09
C CYS B 255 16.42 14.70 9.64
N GLU B 256 16.52 14.96 8.34
CA GLU B 256 17.75 15.46 7.73
C GLU B 256 17.64 16.97 7.48
N PHE B 257 18.06 17.77 8.47
CA PHE B 257 18.34 19.19 8.33
C PHE B 257 19.85 19.44 8.35
N TYR B 258 20.22 20.68 8.03
CA TYR B 258 21.62 21.08 7.98
C TYR B 258 21.76 22.46 8.62
N GLY B 259 22.97 22.78 9.06
CA GLY B 259 23.22 24.06 9.67
C GLY B 259 23.89 25.10 8.79
N ASP B 260 24.15 24.79 7.52
CA ASP B 260 25.03 25.57 6.69
C ASP B 260 24.60 25.40 5.24
N PRO B 261 25.01 26.24 4.37
CA PRO B 261 24.57 26.10 3.02
C PRO B 261 25.14 25.01 2.26
N GLU B 262 26.08 24.24 2.76
CA GLU B 262 26.63 23.21 1.91
C GLU B 262 26.26 21.88 2.38
N GLY B 263 25.40 21.81 3.36
CA GLY B 263 25.07 20.52 3.91
C GLY B 263 26.26 19.84 4.56
N ALA B 264 27.12 20.63 5.20
CA ALA B 264 28.27 20.06 5.89
C ALA B 264 27.88 19.61 7.30
N THR B 265 27.28 20.51 8.03
CA THR B 265 26.90 20.32 9.38
C THR B 265 25.50 19.81 9.61
N ARG B 266 25.35 18.50 9.63
CA ARG B 266 24.10 17.79 9.81
C ARG B 266 23.38 18.13 11.03
N LEU B 267 22.09 17.86 11.07
CA LEU B 267 21.30 18.23 12.20
C LEU B 267 19.88 17.73 12.17
N SER B 268 19.40 17.21 13.27
CA SER B 268 18.04 16.65 13.33
C SER B 268 17.00 17.73 13.63
N ALA B 269 15.74 17.40 13.34
CA ALA B 269 14.64 18.34 13.54
C ALA B 269 14.59 18.89 14.96
N THR B 270 14.78 18.02 15.96
CA THR B 270 14.66 18.49 17.35
C THR B 270 15.72 19.52 17.67
N GLU B 271 16.99 19.24 17.32
CA GLU B 271 18.02 20.24 17.57
C GLU B 271 17.82 21.48 16.70
N ALA B 272 17.28 21.30 15.49
CA ALA B 272 16.99 22.45 14.65
C ALA B 272 15.91 23.31 15.27
N GLN B 273 15.00 22.70 16.04
CA GLN B 273 14.04 23.49 16.79
C GLN B 273 14.62 24.04 18.09
N ALA B 274 15.81 23.64 18.37
CA ALA B 274 16.50 24.16 19.46
C ALA B 274 16.89 25.52 18.96
N LEU B 275 17.77 25.55 17.99
CA LEU B 275 18.24 26.80 17.46
C LEU B 275 17.22 27.83 17.32
N VAL B 276 16.26 27.52 16.53
CA VAL B 276 15.27 28.48 16.34
C VAL B 276 14.73 29.05 17.60
N ASP B 277 14.80 28.31 18.69
CA ASP B 277 14.28 28.82 19.93
C ASP B 277 15.29 29.83 20.35
N THR B 278 16.48 29.33 20.51
CA THR B 278 17.63 30.11 20.84
C THR B 278 17.66 31.35 19.96
N ASP B 279 17.95 31.20 18.69
CA ASP B 279 18.01 32.37 17.83
C ASP B 279 16.77 32.92 17.21
N SER B 280 15.70 32.17 17.13
CA SER B 280 14.48 32.72 16.54
C SER B 280 14.67 33.01 15.08
N ALA B 281 15.90 33.10 14.63
CA ALA B 281 16.13 33.40 13.26
C ALA B 281 17.48 32.92 12.80
N ALA B 282 17.65 31.62 12.72
CA ALA B 282 18.89 31.06 12.29
C ALA B 282 18.66 30.48 10.97
N GLU B 283 19.69 30.27 10.21
CA GLU B 283 19.47 29.67 8.94
C GLU B 283 19.12 28.28 9.26
N ILE B 284 18.50 27.59 8.36
CA ILE B 284 18.18 26.25 8.59
C ILE B 284 17.99 25.78 7.22
N TYR B 285 18.77 24.82 6.85
CA TYR B 285 18.66 24.29 5.54
C TYR B 285 18.25 22.86 5.59
N HIS B 286 17.82 22.40 4.46
CA HIS B 286 17.43 21.01 4.25
C HIS B 286 17.59 20.71 2.78
N GLU B 287 17.40 19.44 2.43
CA GLU B 287 17.63 18.96 1.09
C GLU B 287 16.33 18.96 0.27
N VAL B 288 16.45 19.34 -1.00
CA VAL B 288 15.42 19.16 -2.02
C VAL B 288 16.06 18.33 -3.13
N CYS B 289 15.46 17.19 -3.47
CA CYS B 289 16.05 16.33 -4.50
C CYS B 289 15.01 15.85 -5.51
N VAL B 290 15.48 15.59 -6.71
CA VAL B 290 14.67 15.01 -7.76
C VAL B 290 14.99 13.52 -7.86
N ILE B 291 13.98 12.69 -7.62
CA ILE B 291 14.09 11.24 -7.69
C ILE B 291 13.30 10.73 -8.87
N ARG B 292 13.94 9.92 -9.71
CA ARG B 292 13.25 9.20 -10.78
C ARG B 292 12.91 7.81 -10.29
N GLY B 293 11.66 7.41 -10.49
CA GLY B 293 11.26 6.03 -10.32
C GLY B 293 11.23 5.34 -11.66
N ARG B 294 11.90 4.24 -11.80
CA ARG B 294 11.84 3.52 -13.02
C ARG B 294 11.32 2.21 -12.68
N PRO B 295 10.34 1.71 -13.50
CA PRO B 295 9.87 0.38 -13.14
C PRO B 295 10.57 -0.72 -13.87
N ALA B 296 10.54 -1.92 -13.35
CA ALA B 296 11.20 -3.03 -14.02
C ALA B 296 10.74 -3.10 -15.42
N LEU B 297 11.68 -3.33 -16.30
CA LEU B 297 11.36 -3.43 -17.68
C LEU B 297 11.67 -4.83 -18.12
N HIS C 12 13.33 -38.76 0.40
CA HIS C 12 13.01 -37.81 1.45
C HIS C 12 14.19 -37.57 2.30
N ALA C 13 14.48 -36.31 2.51
CA ALA C 13 15.59 -35.90 3.28
C ALA C 13 15.62 -36.60 4.54
N PRO C 14 16.75 -37.24 4.84
CA PRO C 14 16.91 -37.99 6.09
C PRO C 14 16.79 -37.06 7.31
N GLU C 15 16.68 -37.65 8.50
CA GLU C 15 16.56 -36.87 9.72
C GLU C 15 17.93 -36.55 10.31
N PHE C 16 18.73 -35.79 9.56
CA PHE C 16 20.06 -35.40 10.02
C PHE C 16 20.49 -34.06 9.45
N ALA C 17 19.95 -33.70 8.28
CA ALA C 17 20.27 -32.48 7.65
C ALA C 17 19.69 -31.29 8.31
N PHE C 18 18.62 -31.49 9.03
CA PHE C 18 17.97 -30.41 9.67
C PHE C 18 18.60 -30.04 10.97
N ASP C 19 18.84 -28.75 11.14
CA ASP C 19 19.46 -28.24 12.36
C ASP C 19 18.52 -28.39 13.54
N PRO C 20 18.87 -29.38 14.46
CA PRO C 20 17.95 -29.51 15.59
C PRO C 20 18.46 -28.72 16.80
N THR C 21 19.26 -27.70 16.52
CA THR C 21 19.82 -26.87 17.59
C THR C 21 19.10 -25.52 17.67
N ASP C 22 18.58 -25.05 16.54
CA ASP C 22 17.88 -23.78 16.50
C ASP C 22 16.58 -24.05 15.82
N PRO C 23 15.50 -24.08 16.51
CA PRO C 23 14.25 -24.38 15.82
C PRO C 23 13.69 -23.42 14.79
N TRP C 24 14.17 -22.20 14.72
CA TRP C 24 13.69 -21.30 13.76
C TRP C 24 14.29 -21.74 12.47
N THR C 25 15.58 -21.93 12.43
CA THR C 25 16.29 -22.40 11.23
C THR C 25 15.83 -23.79 10.83
N GLU C 26 15.54 -24.65 11.81
CA GLU C 26 15.08 -26.00 11.50
C GLU C 26 13.73 -25.95 10.77
N THR C 27 12.81 -25.10 11.25
CA THR C 27 11.53 -24.94 10.57
C THR C 27 11.74 -24.46 9.14
N PHE C 28 12.58 -23.42 8.98
CA PHE C 28 12.91 -22.91 7.66
C PHE C 28 13.41 -24.02 6.72
N GLN C 29 14.32 -24.86 7.23
CA GLN C 29 14.96 -25.85 6.39
C GLN C 29 13.98 -26.96 6.01
N ARG C 30 13.22 -27.47 6.98
CA ARG C 30 12.15 -28.40 6.63
C ARG C 30 11.20 -27.78 5.61
N GLY C 31 10.85 -26.50 5.80
CA GLY C 31 10.05 -25.81 4.80
C GLY C 31 10.71 -25.80 3.45
N LEU C 32 11.98 -25.37 3.40
CA LEU C 32 12.69 -25.25 2.13
C LEU C 32 12.72 -26.57 1.37
N GLU C 33 12.73 -27.70 2.08
CA GLU C 33 12.82 -28.97 1.37
C GLU C 33 11.47 -29.40 0.82
N ILE C 34 10.38 -29.06 1.52
CA ILE C 34 9.03 -29.29 0.99
C ILE C 34 8.76 -28.36 -0.19
N ALA C 35 9.40 -27.19 -0.21
CA ALA C 35 9.13 -26.22 -1.28
C ALA C 35 9.42 -26.79 -2.67
N GLY C 36 10.33 -27.75 -2.77
CA GLY C 36 10.61 -28.32 -4.08
C GLY C 36 11.57 -27.46 -4.89
N LEU C 37 12.77 -27.28 -4.36
CA LEU C 37 13.76 -26.43 -5.00
C LEU C 37 14.59 -27.15 -6.04
N GLY C 38 14.49 -28.49 -6.09
CA GLY C 38 15.24 -29.28 -7.06
C GLY C 38 15.23 -28.70 -8.45
N GLY C 39 16.42 -28.51 -9.02
CA GLY C 39 16.54 -27.93 -10.34
C GLY C 39 16.18 -26.45 -10.43
N LYS C 40 15.86 -25.77 -9.34
CA LYS C 40 15.42 -24.38 -9.45
C LYS C 40 16.60 -23.44 -9.28
N ARG C 41 16.41 -22.21 -9.72
CA ARG C 41 17.35 -21.14 -9.43
C ARG C 41 16.82 -20.40 -8.21
N VAL C 42 17.60 -20.36 -7.15
CA VAL C 42 17.16 -19.85 -5.86
C VAL C 42 17.93 -18.57 -5.55
N TYR C 43 17.27 -17.66 -4.83
CA TYR C 43 17.87 -16.42 -4.34
C TYR C 43 17.52 -16.29 -2.87
N GLU C 44 18.54 -16.30 -2.01
CA GLU C 44 18.33 -16.18 -0.57
C GLU C 44 18.60 -14.75 -0.11
N VAL C 45 17.58 -14.10 0.43
CA VAL C 45 17.75 -12.80 1.08
C VAL C 45 18.32 -13.07 2.47
N GLY C 46 19.54 -12.59 2.72
CA GLY C 46 20.24 -12.80 3.98
C GLY C 46 20.95 -14.14 4.03
N ILE C 47 21.95 -14.34 3.18
CA ILE C 47 22.65 -15.63 3.15
C ILE C 47 23.34 -15.88 4.48
N GLY C 48 23.71 -14.82 5.20
CA GLY C 48 24.38 -14.98 6.48
C GLY C 48 25.67 -15.78 6.36
N THR C 49 25.78 -16.84 7.18
CA THR C 49 26.91 -17.75 7.12
C THR C 49 26.89 -18.63 5.87
N GLY C 50 25.76 -18.80 5.21
CA GLY C 50 25.69 -19.69 4.06
C GLY C 50 25.25 -21.10 4.38
N ILE C 51 25.03 -21.44 5.65
CA ILE C 51 24.59 -22.78 6.01
C ILE C 51 23.25 -23.13 5.37
N ASN C 52 22.34 -22.13 5.23
CA ASN C 52 21.12 -22.38 4.47
C ASN C 52 21.43 -22.67 3.00
N VAL C 53 22.40 -21.95 2.43
CA VAL C 53 22.81 -22.20 1.04
C VAL C 53 23.35 -23.61 0.90
N ALA C 54 24.25 -24.00 1.81
CA ALA C 54 24.73 -25.38 1.82
C ALA C 54 23.58 -26.37 1.82
N PHE C 55 22.56 -26.12 2.66
CA PHE C 55 21.40 -27.01 2.74
C PHE C 55 20.62 -27.04 1.43
N MET C 56 20.48 -25.89 0.77
CA MET C 56 19.67 -25.86 -0.44
C MET C 56 20.40 -26.50 -1.61
N LEU C 57 21.68 -26.47 -1.59
CA LEU C 57 22.44 -27.08 -2.62
C LEU C 57 22.57 -28.55 -2.41
N GLN C 58 22.94 -28.95 -1.22
CA GLN C 58 23.18 -30.33 -0.91
C GLN C 58 22.03 -31.22 -0.65
N ILE C 59 20.96 -30.70 -0.12
CA ILE C 59 19.82 -31.50 0.19
C ILE C 59 18.66 -31.24 -0.69
N CYS C 60 18.47 -30.03 -1.12
CA CYS C 60 17.37 -29.73 -1.96
C CYS C 60 17.65 -29.83 -3.40
N GLU C 61 18.89 -29.96 -3.79
CA GLU C 61 19.21 -30.12 -5.16
C GLU C 61 18.96 -28.94 -6.03
N ALA C 62 19.24 -27.77 -5.54
CA ALA C 62 19.05 -26.58 -6.30
C ALA C 62 19.95 -26.55 -7.44
N ALA C 63 19.49 -26.08 -8.55
CA ALA C 63 20.36 -26.01 -9.71
C ALA C 63 21.37 -24.88 -9.58
N LEU C 64 21.02 -23.84 -8.83
CA LEU C 64 21.79 -22.60 -8.75
C LEU C 64 21.25 -21.78 -7.58
N VAL C 65 22.11 -21.37 -6.64
CA VAL C 65 21.70 -20.57 -5.51
C VAL C 65 22.50 -19.28 -5.52
N SER C 66 21.80 -18.16 -5.51
CA SER C 66 22.39 -16.84 -5.36
C SER C 66 21.85 -16.19 -4.09
N GLY C 67 22.26 -14.95 -3.83
CA GLY C 67 21.68 -14.22 -2.72
C GLY C 67 22.58 -13.07 -2.26
N SER C 68 22.20 -12.50 -1.12
CA SER C 68 22.91 -11.32 -0.64
C SER C 68 22.69 -11.18 0.85
N ASP C 69 23.40 -10.22 1.42
CA ASP C 69 23.21 -9.90 2.83
C ASP C 69 23.51 -8.42 3.02
N LEU C 70 23.00 -7.88 4.13
CA LEU C 70 23.21 -6.47 4.46
C LEU C 70 24.66 -6.20 4.86
N ASP C 71 25.23 -7.05 5.72
CA ASP C 71 26.64 -7.00 6.11
C ASP C 71 27.47 -7.60 4.98
N PRO C 72 28.32 -6.80 4.34
CA PRO C 72 29.02 -7.29 3.14
C PRO C 72 30.17 -8.24 3.42
N ARG C 73 30.49 -8.52 4.69
CA ARG C 73 31.53 -9.49 4.96
C ARG C 73 31.01 -10.90 4.77
N LEU C 74 29.75 -11.12 5.12
CA LEU C 74 29.16 -12.45 5.17
C LEU C 74 29.38 -13.28 3.91
N ALA C 75 28.82 -12.84 2.78
CA ALA C 75 28.96 -13.52 1.48
C ALA C 75 30.39 -13.98 1.23
N GLY C 76 31.37 -13.29 1.82
CA GLY C 76 32.73 -13.77 1.86
C GLY C 76 32.85 -15.11 2.56
N LEU C 77 32.38 -15.17 3.77
CA LEU C 77 32.42 -16.37 4.59
C LEU C 77 31.40 -17.39 4.24
N ALA C 78 30.35 -16.99 3.57
CA ALA C 78 29.35 -17.92 3.11
C ALA C 78 29.97 -18.90 2.13
N GLU C 79 30.76 -18.39 1.19
CA GLU C 79 31.48 -19.23 0.25
C GLU C 79 32.35 -20.25 0.98
N ARG C 80 33.13 -19.81 1.96
CA ARG C 80 33.97 -20.73 2.70
C ARG C 80 33.15 -21.86 3.29
N ASN C 81 32.01 -21.54 3.92
CA ASN C 81 31.21 -22.56 4.57
C ASN C 81 30.55 -23.49 3.54
N VAL C 82 30.21 -23.00 2.40
CA VAL C 82 29.58 -23.79 1.40
C VAL C 82 30.58 -24.75 0.87
N ARG C 83 31.75 -24.24 0.65
CA ARG C 83 32.82 -25.02 0.16
C ARG C 83 33.17 -26.13 1.09
N ASP C 84 32.94 -25.96 2.37
CA ASP C 84 33.28 -26.97 3.34
C ASP C 84 32.16 -27.85 3.75
N LEU C 85 30.99 -27.56 3.29
CA LEU C 85 29.82 -28.38 3.55
C LEU C 85 29.29 -29.09 2.33
N ALA C 86 29.32 -28.42 1.19
CA ALA C 86 28.83 -28.97 -0.07
C ALA C 86 29.92 -28.79 -1.11
N PRO C 87 31.09 -29.40 -0.88
CA PRO C 87 32.19 -29.26 -1.84
C PRO C 87 31.83 -29.70 -3.25
N ARG C 88 31.03 -30.75 -3.39
CA ARG C 88 30.70 -31.21 -4.72
C ARG C 88 29.65 -30.34 -5.42
N ARG C 89 29.07 -29.36 -4.73
CA ARG C 89 28.08 -28.51 -5.38
C ARG C 89 28.34 -27.04 -5.18
N ALA C 90 29.45 -26.68 -4.54
CA ALA C 90 29.77 -25.28 -4.28
C ALA C 90 29.84 -24.45 -5.55
N ASP C 91 30.14 -25.06 -6.69
CA ASP C 91 30.23 -24.23 -7.90
C ASP C 91 28.85 -23.71 -8.37
N ARG C 92 27.75 -24.09 -7.74
CA ARG C 92 26.45 -23.56 -8.12
C ARG C 92 26.04 -22.36 -7.29
N PHE C 93 26.93 -21.82 -6.46
CA PHE C 93 26.58 -20.78 -5.51
C PHE C 93 27.28 -19.49 -5.95
N HIS C 94 26.48 -18.50 -6.34
CA HIS C 94 27.01 -17.24 -6.88
C HIS C 94 26.32 -16.11 -6.12
N PRO C 95 26.89 -15.63 -5.07
CA PRO C 95 26.23 -14.56 -4.40
C PRO C 95 26.58 -13.26 -4.97
N VAL C 96 25.80 -12.26 -4.68
CA VAL C 96 26.08 -10.95 -5.13
C VAL C 96 26.80 -10.37 -4.01
N GLU C 97 27.85 -9.66 -4.31
CA GLU C 97 28.65 -9.09 -3.29
C GLU C 97 28.25 -7.71 -2.96
N GLY C 98 28.66 -7.25 -1.81
CA GLY C 98 28.36 -5.91 -1.40
C GLY C 98 27.28 -5.91 -0.43
N ALA C 99 27.08 -4.80 0.23
CA ALA C 99 26.06 -4.70 1.18
C ALA C 99 24.85 -4.53 0.39
N VAL C 100 23.90 -5.40 0.59
CA VAL C 100 22.62 -5.36 -0.10
C VAL C 100 21.53 -5.32 0.96
N SER C 101 20.65 -4.35 0.87
CA SER C 101 19.46 -4.33 1.70
C SER C 101 18.31 -4.89 0.88
N LEU C 102 17.64 -5.90 1.43
CA LEU C 102 16.64 -6.65 0.68
C LEU C 102 17.30 -6.96 -0.66
N ILE C 103 16.73 -6.52 -1.78
CA ILE C 103 17.40 -6.73 -3.06
C ILE C 103 17.77 -5.44 -3.78
N ASP C 104 18.11 -4.42 -3.01
CA ASP C 104 18.07 -3.05 -3.52
C ASP C 104 19.42 -2.62 -4.08
N THR C 105 19.83 -3.34 -5.12
CA THR C 105 21.05 -3.02 -5.87
C THR C 105 20.86 -3.57 -7.28
N PRO C 106 21.53 -3.06 -8.24
CA PRO C 106 21.29 -3.53 -9.57
C PRO C 106 21.72 -4.91 -9.83
N GLU C 107 22.64 -5.41 -9.06
CA GLU C 107 23.15 -6.70 -9.28
C GLU C 107 22.17 -7.64 -8.75
N ALA C 108 21.65 -7.34 -7.61
CA ALA C 108 20.73 -8.21 -7.01
C ALA C 108 19.42 -8.28 -7.67
N ARG C 109 19.00 -7.21 -8.29
CA ARG C 109 17.76 -7.20 -8.98
C ARG C 109 17.90 -8.02 -10.20
N ALA C 110 19.09 -8.11 -10.73
CA ALA C 110 19.34 -8.88 -11.91
C ALA C 110 19.35 -10.31 -11.57
N GLN C 111 19.84 -10.64 -10.44
CA GLN C 111 19.80 -12.04 -10.01
C GLN C 111 18.40 -12.48 -9.64
N VAL C 112 17.66 -11.63 -8.91
CA VAL C 112 16.31 -12.00 -8.49
C VAL C 112 15.43 -12.23 -9.72
N GLY C 113 15.53 -11.35 -10.71
CA GLY C 113 14.76 -11.45 -11.94
C GLY C 113 14.94 -12.76 -12.66
N ARG C 114 16.06 -13.43 -12.41
CA ARG C 114 16.32 -14.72 -13.02
C ARG C 114 16.03 -15.89 -12.11
N SER C 115 15.60 -15.65 -10.86
CA SER C 115 15.38 -16.78 -9.99
C SER C 115 13.94 -17.25 -10.09
N ASP C 116 13.76 -18.53 -9.81
CA ASP C 116 12.44 -19.15 -9.77
C ASP C 116 11.81 -19.03 -8.41
N VAL C 117 12.62 -18.90 -7.37
CA VAL C 117 12.18 -18.93 -5.98
C VAL C 117 13.05 -17.97 -5.19
N ILE C 118 12.41 -17.12 -4.40
CA ILE C 118 13.11 -16.22 -3.48
C ILE C 118 12.79 -16.66 -2.06
N VAL C 119 13.84 -16.92 -1.26
CA VAL C 119 13.64 -17.47 0.07
C VAL C 119 14.31 -16.52 1.06
N GLY C 120 13.88 -16.61 2.31
CA GLY C 120 14.31 -15.67 3.33
C GLY C 120 13.72 -15.93 4.70
N CYS C 121 14.49 -15.66 5.75
CA CYS C 121 14.03 -15.73 7.14
C CYS C 121 14.43 -14.37 7.72
N LEU C 122 13.62 -13.32 7.44
CA LEU C 122 13.95 -11.92 7.62
C LEU C 122 13.64 -11.44 9.03
N PRO C 123 14.31 -10.38 9.47
CA PRO C 123 13.94 -9.75 10.74
C PRO C 123 12.45 -9.39 10.78
N GLN C 124 11.88 -9.50 11.97
CA GLN C 124 10.47 -9.40 12.22
C GLN C 124 10.28 -9.35 13.72
N VAL C 125 9.24 -8.68 14.18
CA VAL C 125 8.96 -8.55 15.61
C VAL C 125 8.50 -9.88 16.19
N GLY C 126 9.25 -10.38 17.17
CA GLY C 126 8.92 -11.64 17.82
C GLY C 126 10.05 -12.65 17.74
N GLU C 127 11.00 -12.40 16.85
CA GLU C 127 12.14 -13.28 16.67
C GLU C 127 12.93 -13.43 17.97
N PRO C 128 13.76 -14.54 18.04
CA PRO C 128 14.50 -14.65 19.32
C PRO C 128 15.29 -13.39 19.62
N ASP C 129 15.11 -12.86 20.83
CA ASP C 129 15.81 -11.64 21.24
C ASP C 129 17.32 -11.78 21.21
N ASP C 130 17.83 -13.01 21.21
CA ASP C 130 19.26 -13.24 21.10
C ASP C 130 19.73 -13.37 19.66
N VAL C 131 18.87 -13.11 18.68
CA VAL C 131 19.28 -13.30 17.30
C VAL C 131 20.28 -12.25 16.88
N ARG C 132 20.22 -11.07 17.41
CA ARG C 132 21.16 -10.09 16.95
C ARG C 132 22.48 -10.25 17.53
N LEU C 133 22.50 -10.77 18.71
CA LEU C 133 23.71 -10.99 19.38
C LEU C 133 24.43 -12.18 18.83
N ARG C 134 23.71 -13.14 18.33
CA ARG C 134 24.36 -14.27 17.77
C ARG C 134 25.01 -13.92 16.52
N ALA C 135 24.46 -12.98 15.85
CA ALA C 135 24.95 -12.60 14.57
C ALA C 135 26.14 -11.83 14.68
N PHE C 136 26.22 -11.07 15.72
CA PHE C 136 27.36 -10.25 15.93
C PHE C 136 28.55 -11.12 16.19
N ARG C 137 28.42 -11.95 17.19
CA ARG C 137 29.49 -12.81 17.57
C ARG C 137 30.09 -13.52 16.41
N THR C 138 29.25 -13.97 15.54
CA THR C 138 29.68 -14.66 14.40
C THR C 138 30.38 -13.74 13.51
N ALA C 139 30.13 -12.46 13.65
CA ALA C 139 30.79 -11.55 12.79
C ALA C 139 32.19 -11.55 13.22
N GLN C 140 32.41 -11.39 14.50
CA GLN C 140 33.74 -11.38 15.04
C GLN C 140 34.41 -12.63 14.58
N ALA C 141 34.04 -13.74 15.18
CA ALA C 141 34.60 -15.00 14.77
C ALA C 141 34.24 -15.18 13.32
N ALA C 142 34.66 -16.27 12.74
CA ALA C 142 34.35 -16.49 11.35
C ALA C 142 35.05 -15.37 10.62
N ALA C 143 34.69 -14.11 10.87
CA ALA C 143 35.39 -13.04 10.19
C ALA C 143 36.76 -12.89 10.78
N LEU C 144 37.37 -14.03 11.05
CA LEU C 144 38.70 -14.09 11.58
C LEU C 144 39.52 -13.57 10.44
N ALA C 145 39.49 -14.29 9.33
CA ALA C 145 40.23 -13.93 8.15
C ALA C 145 39.80 -12.56 7.73
N ALA C 146 40.02 -11.61 8.61
CA ALA C 146 39.65 -10.26 8.35
C ALA C 146 40.84 -9.40 8.65
N GLY C 147 41.78 -9.97 9.37
CA GLY C 147 42.94 -9.20 9.73
C GLY C 147 42.41 -8.04 10.56
N ALA C 148 41.89 -8.37 11.73
CA ALA C 148 41.37 -7.38 12.69
C ALA C 148 40.47 -6.22 12.23
N ASP C 149 39.73 -6.42 11.15
CA ASP C 149 38.80 -5.42 10.63
C ASP C 149 39.36 -4.00 10.73
N ILE C 156 25.94 1.94 6.52
CA ILE C 156 26.20 0.75 7.31
C ILE C 156 24.90 0.17 7.84
N ALA C 157 24.22 0.92 8.70
CA ALA C 157 23.00 0.44 9.27
C ALA C 157 23.41 -0.75 10.11
N HIS C 158 23.92 -1.78 9.47
CA HIS C 158 24.36 -2.99 10.16
C HIS C 158 23.15 -3.80 10.47
N TYR C 159 22.01 -3.14 10.62
CA TYR C 159 20.79 -3.86 10.90
C TYR C 159 19.74 -3.16 10.16
N TYR C 160 18.98 -3.92 9.44
CA TYR C 160 17.95 -3.28 8.64
C TYR C 160 17.31 -2.18 9.48
N PRO C 161 17.45 -0.91 9.08
CA PRO C 161 16.84 0.10 9.93
C PRO C 161 15.39 -0.20 9.91
N TRP C 162 14.68 0.30 10.85
CA TRP C 162 13.29 -0.01 10.82
C TRP C 162 12.45 1.17 10.62
N ALA C 163 13.08 2.30 10.46
CA ALA C 163 12.37 3.50 10.24
C ALA C 163 11.75 3.52 8.91
N GLU C 164 12.46 3.12 7.89
CA GLU C 164 11.91 3.17 6.57
C GLU C 164 10.91 2.11 6.26
N PHE C 165 10.72 1.14 7.11
CA PHE C 165 9.72 0.16 6.84
C PHE C 165 8.57 0.28 7.75
N ASP C 166 8.43 1.41 8.38
CA ASP C 166 7.35 1.59 9.30
C ASP C 166 6.07 2.03 8.74
N SER C 167 6.07 2.49 7.53
CA SER C 167 4.88 2.91 6.89
C SER C 167 4.06 1.72 6.54
N TYR C 168 4.68 0.68 6.00
CA TYR C 168 3.98 -0.53 5.58
C TYR C 168 2.84 -0.95 6.52
N PRO C 169 1.67 -1.22 5.95
CA PRO C 169 0.51 -1.66 6.73
C PRO C 169 0.78 -2.81 7.67
N PHE C 170 1.49 -3.83 7.20
CA PHE C 170 1.74 -5.00 8.03
C PHE C 170 2.85 -4.78 9.02
N ASN C 171 3.48 -3.60 9.02
CA ASN C 171 4.30 -3.28 10.18
C ASN C 171 3.47 -3.19 11.45
N SER C 172 2.15 -2.99 11.33
CA SER C 172 1.27 -3.02 12.50
C SER C 172 1.35 -4.36 13.23
N VAL C 173 1.64 -5.44 12.53
CA VAL C 173 1.87 -6.71 13.20
C VAL C 173 3.35 -7.11 13.18
N GLY C 174 4.25 -6.16 12.91
CA GLY C 174 5.67 -6.45 12.99
C GLY C 174 6.28 -7.09 11.76
N LEU C 175 5.60 -7.03 10.61
CA LEU C 175 6.04 -7.68 9.39
C LEU C 175 6.31 -6.68 8.25
N GLY C 176 6.72 -5.47 8.60
CA GLY C 176 6.99 -4.45 7.58
C GLY C 176 8.14 -4.81 6.64
N LEU C 177 9.23 -5.37 7.18
CA LEU C 177 10.35 -5.75 6.32
C LEU C 177 9.96 -6.90 5.38
N ASN C 178 9.23 -7.89 5.89
CA ASN C 178 8.66 -8.91 5.00
C ASN C 178 7.77 -8.30 3.93
N GLU C 179 6.95 -7.30 4.30
CA GLU C 179 6.10 -6.69 3.29
C GLU C 179 6.94 -5.95 2.26
N ALA C 180 7.93 -5.18 2.72
CA ALA C 180 8.79 -4.44 1.79
C ALA C 180 9.40 -5.41 0.76
N LEU C 181 9.76 -6.62 1.21
CA LEU C 181 10.28 -7.61 0.26
C LEU C 181 9.21 -8.01 -0.75
N LEU C 182 7.99 -8.30 -0.27
CA LEU C 182 6.96 -8.72 -1.21
C LEU C 182 6.66 -7.66 -2.25
N ARG C 183 6.79 -6.40 -1.86
CA ARG C 183 6.61 -5.29 -2.80
C ARG C 183 7.73 -5.27 -3.84
N ARG C 184 8.93 -5.67 -3.42
CA ARG C 184 10.08 -5.70 -4.32
C ARG C 184 10.07 -6.91 -5.24
N THR C 185 9.78 -8.09 -4.69
CA THR C 185 9.75 -9.32 -5.49
C THR C 185 8.67 -9.27 -6.56
N ARG C 186 7.49 -8.71 -6.26
CA ARG C 186 6.42 -8.69 -7.23
C ARG C 186 6.79 -7.84 -8.44
N ALA C 187 7.50 -6.74 -8.20
CA ALA C 187 7.89 -5.88 -9.30
C ALA C 187 9.06 -6.47 -10.09
N THR C 188 10.00 -7.11 -9.40
CA THR C 188 11.25 -7.48 -10.05
C THR C 188 11.24 -8.91 -10.60
N ALA C 189 10.53 -9.83 -9.94
CA ALA C 189 10.41 -11.22 -10.38
C ALA C 189 8.96 -11.66 -10.25
N PRO C 190 8.08 -11.16 -11.13
CA PRO C 190 6.63 -11.44 -10.97
C PRO C 190 6.22 -12.90 -11.10
N ALA C 191 7.06 -13.75 -11.69
CA ALA C 191 6.69 -15.15 -11.77
C ALA C 191 7.20 -15.96 -10.58
N ALA C 192 8.10 -15.40 -9.77
CA ALA C 192 8.87 -16.19 -8.81
C ALA C 192 8.03 -16.58 -7.60
N ASP C 193 8.27 -17.76 -7.08
CA ASP C 193 7.69 -18.04 -5.78
C ASP C 193 8.51 -17.33 -4.70
N VAL C 194 7.87 -17.07 -3.57
CA VAL C 194 8.52 -16.42 -2.44
C VAL C 194 8.25 -17.26 -1.20
N VAL C 195 9.31 -17.73 -0.56
CA VAL C 195 9.20 -18.65 0.56
C VAL C 195 9.82 -17.97 1.78
N LEU C 196 9.01 -17.71 2.82
CA LEU C 196 9.42 -16.90 3.96
C LEU C 196 9.10 -17.60 5.28
N ASN C 197 9.96 -17.35 6.27
CA ASN C 197 9.82 -17.93 7.60
C ASN C 197 9.16 -16.88 8.50
N PHE C 198 8.19 -17.32 9.29
CA PHE C 198 7.48 -16.44 10.21
C PHE C 198 7.27 -17.13 11.55
N GLY C 199 7.49 -16.37 12.63
CA GLY C 199 6.80 -16.66 13.87
C GLY C 199 5.32 -16.35 13.70
N ALA C 200 4.46 -17.17 14.29
CA ALA C 200 3.05 -17.18 13.96
C ALA C 200 2.18 -16.70 15.11
N ARG C 201 2.76 -15.91 16.00
CA ARG C 201 2.05 -15.38 17.16
C ARG C 201 0.80 -14.59 16.77
N VAL C 202 0.87 -13.86 15.66
CA VAL C 202 -0.27 -13.06 15.19
C VAL C 202 -1.34 -13.91 14.53
N GLY C 203 -1.06 -15.17 14.20
CA GLY C 203 -2.01 -16.10 13.62
C GLY C 203 -1.91 -16.17 12.10
N SER C 204 -2.43 -17.27 11.55
CA SER C 204 -2.24 -17.55 10.12
C SER C 204 -3.11 -16.67 9.23
N ALA C 205 -4.27 -16.20 9.72
CA ALA C 205 -5.08 -15.26 8.96
C ALA C 205 -4.29 -14.02 8.57
N VAL C 206 -3.59 -13.41 9.54
CA VAL C 206 -2.77 -12.25 9.20
C VAL C 206 -1.67 -12.65 8.22
N LEU C 207 -0.88 -13.68 8.58
CA LEU C 207 0.26 -14.10 7.77
C LEU C 207 -0.16 -14.34 6.32
N PHE C 208 -1.28 -15.04 6.12
CA PHE C 208 -1.82 -15.23 4.78
C PHE C 208 -2.19 -13.90 4.13
N GLU C 209 -2.74 -12.96 4.91
CA GLU C 209 -3.22 -11.70 4.34
C GLU C 209 -2.07 -10.81 3.88
N LEU C 210 -0.94 -10.86 4.58
CA LEU C 210 0.26 -10.20 4.10
C LEU C 210 0.60 -10.61 2.68
N PHE C 211 0.31 -11.86 2.31
CA PHE C 211 0.57 -12.29 0.95
C PHE C 211 -0.56 -11.93 0.00
N GLU C 212 -1.82 -12.19 0.42
CA GLU C 212 -2.94 -11.86 -0.45
C GLU C 212 -2.97 -10.37 -0.75
N ALA C 213 -2.63 -9.54 0.23
CA ALA C 213 -2.62 -8.10 0.03
C ALA C 213 -1.60 -7.67 -1.00
N ASN C 214 -0.58 -8.48 -1.26
CA ASN C 214 0.55 -8.05 -2.07
C ASN C 214 0.74 -8.88 -3.34
N GLY C 215 -0.26 -9.69 -3.70
CA GLY C 215 -0.30 -10.32 -5.00
C GLY C 215 -0.05 -11.82 -5.04
N TYR C 216 0.04 -12.47 -3.88
CA TYR C 216 0.51 -13.85 -3.80
C TYR C 216 -0.56 -14.71 -3.14
N VAL C 217 -0.67 -15.95 -3.60
CA VAL C 217 -1.55 -16.93 -2.99
C VAL C 217 -0.73 -17.70 -1.94
N PRO C 218 -1.02 -17.55 -0.66
CA PRO C 218 -0.20 -18.21 0.36
C PRO C 218 -0.55 -19.68 0.53
N GLU C 219 0.49 -20.46 0.82
CA GLU C 219 0.36 -21.85 1.17
C GLU C 219 1.33 -22.12 2.31
N LYS C 220 0.87 -22.70 3.39
CA LYS C 220 1.75 -23.00 4.52
C LYS C 220 2.48 -24.30 4.24
N LEU C 221 3.79 -24.23 4.00
CA LEU C 221 4.54 -25.44 3.65
C LEU C 221 4.81 -26.32 4.86
N HIS C 222 5.13 -25.72 5.99
CA HIS C 222 5.54 -26.52 7.14
C HIS C 222 5.55 -25.62 8.36
N SER C 223 5.25 -26.20 9.53
CA SER C 223 5.22 -25.42 10.77
C SER C 223 5.63 -26.29 11.96
N GLN C 224 6.19 -25.62 12.98
CA GLN C 224 6.66 -26.28 14.20
C GLN C 224 6.27 -25.46 15.42
N ILE C 225 5.94 -26.14 16.50
CA ILE C 225 5.84 -25.50 17.81
C ILE C 225 7.24 -25.42 18.42
N VAL C 226 7.69 -24.21 18.72
CA VAL C 226 9.03 -23.98 19.26
C VAL C 226 8.92 -23.33 20.63
N LEU C 227 9.91 -23.60 21.46
CA LEU C 227 9.97 -23.04 22.79
C LEU C 227 10.65 -21.69 22.70
N GLN C 228 10.03 -20.69 23.30
CA GLN C 228 10.67 -19.39 23.30
C GLN C 228 11.57 -19.31 24.52
N HIS C 229 12.74 -18.74 24.33
CA HIS C 229 13.73 -18.65 25.35
C HIS C 229 13.08 -18.00 26.45
N ALA C 230 13.61 -18.24 27.61
CA ALA C 230 13.04 -17.69 28.79
C ALA C 230 13.44 -16.29 28.95
N GLY C 231 12.51 -15.47 29.38
CA GLY C 231 12.78 -14.09 29.58
C GLY C 231 12.64 -13.29 28.35
N THR C 232 11.90 -13.79 27.40
CA THR C 232 11.71 -13.06 26.16
C THR C 232 10.57 -12.11 26.27
N ASP C 233 10.74 -10.93 25.73
CA ASP C 233 9.71 -9.91 25.77
C ASP C 233 8.58 -10.23 24.80
N ILE C 234 7.35 -10.25 25.32
CA ILE C 234 6.16 -10.48 24.50
C ILE C 234 5.17 -9.33 24.64
N SER C 235 5.64 -8.15 25.04
CA SER C 235 4.73 -7.06 25.34
C SER C 235 4.08 -6.53 24.06
N PHE C 236 4.83 -6.49 22.96
CA PHE C 236 4.26 -6.10 21.69
C PHE C 236 3.02 -6.94 21.37
N PHE C 237 3.05 -8.23 21.72
CA PHE C 237 1.94 -9.10 21.38
C PHE C 237 0.80 -8.95 22.37
N VAL C 238 1.12 -8.72 23.63
CA VAL C 238 0.10 -8.34 24.61
C VAL C 238 -0.56 -7.04 24.19
N ALA C 239 0.25 -6.09 23.70
CA ALA C 239 -0.26 -4.81 23.23
C ALA C 239 -1.18 -4.98 22.04
N LEU C 240 -0.98 -6.02 21.24
CA LEU C 240 -1.85 -6.24 20.09
C LEU C 240 -3.23 -6.69 20.51
N GLU C 241 -3.35 -7.36 21.64
CA GLU C 241 -4.65 -7.89 22.09
C GLU C 241 -5.53 -6.80 22.69
N ASN C 242 -4.91 -5.83 23.28
CA ASN C 242 -5.66 -4.77 23.79
C ASN C 242 -5.82 -3.92 22.58
N ALA C 243 -6.43 -4.56 21.61
CA ALA C 243 -6.69 -4.09 20.27
C ALA C 243 -7.50 -2.85 20.38
N LEU C 244 -6.82 -1.72 20.20
CA LEU C 244 -7.45 -0.42 20.35
C LEU C 244 -8.64 -0.13 19.46
N ALA C 245 -9.64 0.47 20.09
CA ALA C 245 -10.89 0.82 19.44
C ALA C 245 -10.85 2.08 18.58
N GLN C 246 -11.65 2.04 17.51
CA GLN C 246 -11.82 3.11 16.53
C GLN C 246 -10.47 3.59 16.07
N THR C 247 -10.31 3.87 14.80
CA THR C 247 -11.32 3.73 13.80
C THR C 247 -10.94 2.51 13.01
N GLY C 248 -11.65 1.41 13.12
CA GLY C 248 -12.76 1.30 13.99
C GLY C 248 -13.00 -0.15 13.95
N LEU C 249 -13.29 -0.77 15.08
CA LEU C 249 -13.37 -0.14 16.37
C LEU C 249 -12.82 -1.09 17.39
N GLU C 250 -13.54 -2.16 17.61
CA GLU C 250 -13.18 -3.14 18.54
C GLU C 250 -12.81 -4.27 17.69
N ARG C 251 -12.24 -5.28 18.29
CA ARG C 251 -11.87 -6.46 17.60
C ARG C 251 -11.39 -7.35 18.67
N GLU C 252 -11.67 -8.63 18.54
CA GLU C 252 -11.19 -9.57 19.49
C GLU C 252 -10.01 -9.99 18.75
N PHE C 253 -8.86 -9.98 19.38
CA PHE C 253 -7.70 -10.43 18.71
C PHE C 253 -7.00 -11.16 19.74
N THR C 254 -6.67 -12.38 19.48
CA THR C 254 -5.97 -13.12 20.45
C THR C 254 -4.78 -13.66 19.75
N CYS C 255 -3.64 -13.55 20.38
CA CYS C 255 -2.44 -14.03 19.80
C CYS C 255 -2.39 -15.48 20.08
N GLU C 256 -1.58 -16.17 19.33
CA GLU C 256 -1.48 -17.59 19.49
C GLU C 256 -0.26 -18.07 20.18
N PHE C 257 -0.40 -18.42 21.43
CA PHE C 257 0.65 -19.03 22.21
C PHE C 257 0.17 -20.42 22.63
N TYR C 258 1.10 -21.20 23.17
CA TYR C 258 0.81 -22.55 23.61
C TYR C 258 1.62 -22.84 24.86
N GLY C 259 1.07 -23.68 25.73
CA GLY C 259 1.72 -24.04 26.96
C GLY C 259 2.61 -25.27 26.81
N ASP C 260 2.11 -26.27 26.08
CA ASP C 260 2.85 -27.49 25.86
C ASP C 260 3.51 -27.50 24.48
N PRO C 261 4.72 -28.17 24.39
CA PRO C 261 5.32 -28.16 23.04
C PRO C 261 4.35 -28.67 21.99
N GLU C 262 3.74 -29.82 22.24
CA GLU C 262 2.79 -30.40 21.30
C GLU C 262 1.81 -29.36 20.78
N GLY C 263 1.56 -28.34 21.59
CA GLY C 263 0.64 -27.28 21.22
C GLY C 263 -0.81 -27.67 21.37
N ALA C 264 -1.13 -28.30 22.50
CA ALA C 264 -2.46 -28.73 22.78
C ALA C 264 -3.18 -27.79 23.63
N THR C 265 -2.45 -27.01 24.37
CA THR C 265 -3.09 -26.11 25.26
C THR C 265 -2.78 -24.75 24.80
N ARG C 266 -3.78 -24.01 24.46
CA ARG C 266 -3.59 -22.68 23.93
C ARG C 266 -3.63 -21.59 24.91
N LEU C 267 -2.99 -20.49 24.57
CA LEU C 267 -2.92 -19.33 25.42
C LEU C 267 -2.81 -18.14 24.60
N SER C 268 -3.05 -17.00 25.20
CA SER C 268 -2.96 -15.78 24.48
C SER C 268 -1.82 -15.02 25.00
N ALA C 269 -1.49 -13.94 24.37
CA ALA C 269 -0.36 -13.15 24.82
C ALA C 269 -0.51 -12.74 26.29
N THR C 270 -1.73 -12.41 26.73
CA THR C 270 -1.91 -12.03 28.12
C THR C 270 -1.93 -13.23 29.06
N GLU C 271 -2.63 -14.26 28.64
CA GLU C 271 -2.69 -15.48 29.38
C GLU C 271 -1.33 -16.03 29.48
N ALA C 272 -0.40 -15.60 28.65
CA ALA C 272 0.93 -16.12 28.71
C ALA C 272 1.77 -15.17 29.39
N GLN C 273 1.52 -13.91 29.22
CA GLN C 273 2.28 -12.95 29.95
C GLN C 273 2.02 -13.16 31.40
N ALA C 274 0.91 -13.83 31.70
CA ALA C 274 0.53 -14.10 33.09
C ALA C 274 1.28 -15.33 33.60
N LEU C 275 1.23 -16.41 32.83
CA LEU C 275 1.92 -17.64 33.21
C LEU C 275 3.34 -17.33 33.65
N VAL C 276 3.97 -16.39 32.97
CA VAL C 276 5.33 -15.97 33.29
C VAL C 276 5.33 -15.10 34.54
N ASP C 277 4.28 -14.31 34.69
CA ASP C 277 4.14 -13.41 35.83
C ASP C 277 4.25 -14.21 37.13
N THR C 278 3.41 -15.20 37.24
CA THR C 278 3.36 -15.98 38.42
C THR C 278 4.60 -16.79 38.58
N ASP C 279 4.90 -17.60 37.58
CA ASP C 279 6.06 -18.46 37.64
C ASP C 279 7.04 -18.10 36.60
N SER C 280 8.07 -17.34 36.92
CA SER C 280 9.06 -17.00 35.91
C SER C 280 9.61 -18.32 35.50
N ALA C 281 10.03 -18.54 34.30
CA ALA C 281 10.48 -19.87 34.01
C ALA C 281 9.37 -20.73 33.48
N ALA C 282 8.11 -20.35 33.56
CA ALA C 282 7.16 -21.23 32.96
C ALA C 282 7.58 -21.41 31.56
N GLU C 283 7.01 -22.38 30.89
CA GLU C 283 7.36 -22.68 29.51
C GLU C 283 6.28 -22.15 28.57
N ILE C 284 6.70 -21.32 27.62
CA ILE C 284 5.83 -20.68 26.64
C ILE C 284 6.27 -21.12 25.24
N TYR C 285 5.32 -21.60 24.45
CA TYR C 285 5.59 -22.08 23.10
C TYR C 285 4.79 -21.28 22.07
N HIS C 286 5.34 -21.16 20.87
CA HIS C 286 4.61 -20.56 19.75
C HIS C 286 4.98 -21.28 18.46
N GLU C 287 4.24 -20.98 17.41
CA GLU C 287 4.42 -21.64 16.13
C GLU C 287 5.37 -20.83 15.25
N VAL C 288 6.23 -21.55 14.54
CA VAL C 288 7.04 -20.99 13.47
C VAL C 288 6.61 -21.72 12.22
N CYS C 289 6.40 -20.99 11.13
CA CYS C 289 5.92 -21.69 9.94
C CYS C 289 6.52 -21.03 8.72
N VAL C 290 6.71 -21.85 7.72
CA VAL C 290 7.19 -21.41 6.42
C VAL C 290 5.97 -21.28 5.53
N ILE C 291 5.83 -20.14 4.89
CA ILE C 291 4.74 -19.89 3.96
C ILE C 291 5.34 -19.60 2.59
N ARG C 292 4.79 -20.22 1.56
CA ARG C 292 5.15 -19.90 0.18
C ARG C 292 4.08 -19.01 -0.43
N GLY C 293 4.52 -17.95 -1.11
CA GLY C 293 3.65 -17.15 -1.95
C GLY C 293 3.83 -17.53 -3.40
N ARG C 294 2.74 -17.95 -4.03
CA ARG C 294 2.75 -18.25 -5.46
C ARG C 294 2.04 -17.13 -6.19
N PRO C 295 2.60 -16.50 -7.15
CA PRO C 295 1.86 -15.47 -7.82
C PRO C 295 0.83 -16.08 -8.62
N ALA C 296 -0.35 -15.56 -8.58
CA ALA C 296 -1.41 -16.07 -9.38
C ALA C 296 -0.94 -15.60 -10.68
N LEU C 297 -0.15 -16.41 -11.31
CA LEU C 297 0.46 -16.03 -12.56
C LEU C 297 0.10 -17.20 -13.40
N SAH D . -23.93 -4.58 3.89
CA SAH D . -24.48 -5.47 2.87
CB SAH D . -24.43 -6.94 3.30
CG SAH D . -23.06 -7.63 3.19
SD SAH D . -22.94 -9.34 3.81
C SAH D . -25.91 -5.06 2.52
O SAH D . -26.52 -5.64 1.60
OXT SAH D . -26.49 -4.16 3.13
C5' SAH D . -23.74 -10.06 2.35
C4' SAH D . -23.25 -11.49 2.15
O4' SAH D . -21.82 -11.49 2.12
C3' SAH D . -23.66 -12.43 3.29
O3' SAH D . -24.39 -13.54 2.79
C2' SAH D . -22.37 -12.96 3.87
O2' SAH D . -22.44 -14.35 4.09
C1' SAH D . -21.33 -12.64 2.80
N9 SAH D . -19.98 -12.40 3.35
C8 SAH D . -19.65 -11.77 4.53
N7 SAH D . -18.30 -11.77 4.67
C5 SAH D . -17.76 -12.40 3.59
C6 SAH D . -16.45 -12.66 3.24
N6 SAH D . -15.44 -12.27 4.03
N1 SAH D . -16.18 -13.33 2.06
C2 SAH D . -17.23 -13.74 1.24
N3 SAH D . -18.54 -13.49 1.59
C4 SAH D . -18.80 -12.81 2.75
N SAH E . 6.17 21.52 -3.59
CA SAH E . 6.03 22.40 -4.74
CB SAH E . 4.68 23.13 -4.68
CG SAH E . 3.97 23.27 -6.03
SD SAH E . 2.22 22.81 -5.93
C SAH E . 7.21 23.39 -4.82
O SAH E . 7.81 23.65 -5.89
OXT SAH E . 7.61 23.93 -3.79
C5' SAH E . 1.76 23.97 -7.24
C4' SAH E . 1.19 23.34 -8.53
O4' SAH E . 0.68 22.02 -8.34
C3' SAH E . 0.03 24.19 -9.02
O3' SAH E . 0.07 24.23 -10.43
C2' SAH E . -1.18 23.41 -8.52
O2' SAH E . -2.41 23.79 -9.15
C1' SAH E . -0.70 21.97 -8.74
N9 SAH E . -1.50 20.96 -7.99
C8 SAH E . -1.76 21.02 -6.64
N7 SAH E . -2.52 19.94 -6.29
C5 SAH E . -2.75 19.19 -7.39
C6 SAH E . -3.45 18.00 -7.57
N6 SAH E . -4.06 17.42 -6.53
N1 SAH E . -3.54 17.46 -8.83
C2 SAH E . -2.90 18.07 -9.89
N3 SAH E . -2.19 19.24 -9.71
C4 SAH E . -2.11 19.81 -8.47
N MET F . -0.66 18.87 1.82
CA MET F . -0.19 20.19 2.19
C MET F . 0.14 20.37 3.67
O MET F . 1.26 20.89 3.89
CB MET F . -1.16 21.24 1.68
CG MET F . -0.74 21.80 0.34
SD MET F . -1.95 21.97 -0.98
CE MET F . -0.97 22.90 -2.13
OXT MET F . -0.66 19.97 4.58
P PO4 G . -0.54 -0.16 0.66
O1 PO4 G . -0.53 -0.79 -0.72
O2 PO4 G . 0.84 0.38 0.97
O3 PO4 G . -0.90 -1.20 1.69
O4 PO4 G . -1.54 0.97 0.70
#